data_3Q0E
#
_entry.id   3Q0E
#
_cell.length_a   107.648
_cell.length_b   107.648
_cell.length_c   153.953
_cell.angle_alpha   90.00
_cell.angle_beta   90.00
_cell.angle_gamma   90.00
#
_symmetry.space_group_name_H-M   'P 43 21 2'
#
loop_
_entity.id
_entity.type
_entity.pdbx_description
1 polymer 'Aspartate-semialdehyde dehydrogenase'
2 non-polymer CYSTEINE
3 non-polymer 'SULFATE ION'
4 non-polymer 'ACETATE ION'
5 non-polymer 1,2-ETHANEDIOL
6 water water
#
_entity_poly.entity_id   1
_entity_poly.type   'polypeptide(L)'
_entity_poly.pdbx_seq_one_letter_code
;MRVGLVGWRGMVGSVLMQRMVEERDFDLIEPVFFSTSQIGVPAPNFGKDAGMLHDAFDIESLKQLDAVITCQGGSYTEKV
YPALRQAGWKGYWIDAASTLRMDKEAIITLDPVNLKQILHGIHHGTKTFVGGNCTVSLMLMALGGLYERGLVEWMSAMTY
QAASGAGAQNMRELISQMGVINDAVSSELANPASSILDIDKKVAETMRSGSFPTDNFGVPLAGSLIPWIDVKRDNGQSKE
EWKAGVEANKILGLQDSPVPIDGTCVRIGAMRCHSQALTIKLKQNIPLDEIEEMIATHNDWVKVIPNERDITARELTPAK
VTGTLSVPVGRLRKMAMGDDFLNAFTVGDQLLWGAAEPLRRTLRIILAEK
;
_entity_poly.pdbx_strand_id   A,B
#
loop_
_chem_comp.id
_chem_comp.type
_chem_comp.name
_chem_comp.formula
ACT non-polymer 'ACETATE ION' 'C2 H3 O2 -1'
EDO non-polymer 1,2-ETHANEDIOL 'C2 H6 O2'
SO4 non-polymer 'SULFATE ION' 'O4 S -2'
#
# COMPACT_ATOMS: atom_id res chain seq x y z
N MET A 1 -9.25 -40.05 17.43
CA MET A 1 -9.09 -39.74 15.99
CA MET A 1 -9.09 -39.70 15.99
C MET A 1 -7.61 -39.71 15.61
N ARG A 2 -7.28 -40.43 14.54
CA ARG A 2 -5.91 -40.52 14.05
C ARG A 2 -5.71 -39.49 12.94
N VAL A 3 -4.87 -38.49 13.23
CA VAL A 3 -4.70 -37.34 12.34
C VAL A 3 -3.27 -37.25 11.82
N GLY A 4 -3.13 -37.35 10.50
CA GLY A 4 -1.83 -37.18 9.85
C GLY A 4 -1.50 -35.71 9.68
N LEU A 5 -0.23 -35.36 9.90
CA LEU A 5 0.25 -33.99 9.69
C LEU A 5 1.32 -33.98 8.61
N VAL A 6 1.12 -33.14 7.60
CA VAL A 6 2.09 -33.01 6.50
C VAL A 6 2.46 -31.53 6.36
N GLY A 7 3.74 -31.26 6.14
CA GLY A 7 4.22 -29.88 6.00
C GLY A 7 4.25 -29.11 7.31
N TRP A 8 4.33 -29.85 8.41
CA TRP A 8 4.31 -29.29 9.78
C TRP A 8 5.58 -28.55 10.12
N ARG A 9 6.63 -28.76 9.33
CA ARG A 9 7.95 -28.16 9.57
C ARG A 9 8.16 -26.86 8.80
N GLY A 10 7.33 -26.62 7.78
CA GLY A 10 7.40 -25.40 6.97
C GLY A 10 6.89 -24.19 7.74
N MET A 11 6.83 -23.04 7.09
CA MET A 11 6.43 -21.82 7.78
C MET A 11 5.00 -21.89 8.32
N VAL A 12 4.03 -22.13 7.44
CA VAL A 12 2.62 -22.23 7.84
C VAL A 12 2.42 -23.37 8.84
N GLY A 13 3.02 -24.52 8.55
CA GLY A 13 2.95 -25.68 9.43
C GLY A 13 3.51 -25.41 10.83
N SER A 14 4.59 -24.65 10.91
CA SER A 14 5.20 -24.33 12.21
C SER A 14 4.31 -23.41 13.04
N VAL A 15 3.63 -22.48 12.36
CA VAL A 15 2.63 -21.63 13.03
C VAL A 15 1.50 -22.53 13.54
N LEU A 16 1.02 -23.43 12.69
CA LEU A 16 -0.02 -24.38 13.08
C LEU A 16 0.39 -25.21 14.30
N MET A 17 1.60 -25.76 14.28
CA MET A 17 2.10 -26.55 15.41
C MET A 17 2.11 -25.72 16.70
N GLN A 18 2.60 -24.49 16.61
CA GLN A 18 2.61 -23.58 17.77
C GLN A 18 1.21 -23.40 18.32
N ARG A 19 0.25 -23.13 17.44
CA ARG A 19 -1.15 -22.91 17.83
C ARG A 19 -1.83 -24.15 18.41
N MET A 20 -1.54 -25.32 17.83
CA MET A 20 -2.08 -26.58 18.34
C MET A 20 -1.57 -26.89 19.74
N VAL A 21 -0.29 -26.60 19.99
CA VAL A 21 0.27 -26.72 21.35
C VAL A 21 -0.42 -25.74 22.30
N GLU A 22 -0.54 -24.48 21.88
CA GLU A 22 -1.14 -23.43 22.71
C GLU A 22 -2.58 -23.76 23.10
N GLU A 23 -3.32 -24.35 22.17
CA GLU A 23 -4.73 -24.67 22.42
C GLU A 23 -4.95 -26.11 22.91
N ARG A 24 -3.85 -26.83 23.11
CA ARG A 24 -3.88 -28.23 23.56
C ARG A 24 -4.69 -29.14 22.63
N ASP A 25 -4.60 -28.89 21.32
CA ASP A 25 -5.29 -29.71 20.32
C ASP A 25 -4.82 -31.16 20.32
N PHE A 26 -3.52 -31.36 20.62
CA PHE A 26 -2.92 -32.71 20.60
C PHE A 26 -3.48 -33.64 21.67
N ASP A 27 -4.06 -33.07 22.74
CA ASP A 27 -4.70 -33.84 23.79
C ASP A 27 -5.89 -34.65 23.27
N LEU A 28 -6.47 -34.21 22.14
CA LEU A 28 -7.72 -34.75 21.63
C LEU A 28 -7.55 -35.71 20.44
N ILE A 29 -6.32 -35.84 19.95
CA ILE A 29 -6.04 -36.64 18.75
C ILE A 29 -4.85 -37.57 18.94
N GLU A 30 -4.72 -38.52 18.02
CA GLU A 30 -3.52 -39.32 17.87
C GLU A 30 -2.79 -38.76 16.64
N PRO A 31 -1.77 -37.90 16.87
CA PRO A 31 -1.08 -37.27 15.75
C PRO A 31 -0.09 -38.23 15.11
N VAL A 32 -0.10 -38.28 13.78
CA VAL A 32 0.86 -39.09 13.03
C VAL A 32 1.61 -38.13 12.11
N PHE A 33 2.91 -38.01 12.33
CA PHE A 33 3.71 -37.04 11.58
C PHE A 33 4.33 -37.67 10.33
N PHE A 34 4.13 -36.99 9.20
CA PHE A 34 4.64 -37.44 7.91
C PHE A 34 5.78 -36.55 7.42
N SER A 35 6.65 -37.12 6.60
CA SER A 35 7.78 -36.38 6.04
C SER A 35 7.89 -36.61 4.55
N THR A 36 8.34 -35.58 3.85
CA THR A 36 8.60 -35.68 2.41
C THR A 36 10.09 -35.81 2.15
N SER A 37 10.88 -35.97 3.21
CA SER A 37 12.33 -35.97 3.06
C SER A 37 13.06 -37.15 3.71
N GLN A 38 12.59 -37.58 4.89
CA GLN A 38 13.22 -38.64 5.64
CA GLN A 38 13.24 -38.63 5.67
C GLN A 38 12.25 -39.31 6.61
N ILE A 39 12.26 -40.64 6.63
CA ILE A 39 11.29 -41.41 7.44
C ILE A 39 11.92 -42.38 8.43
N GLY A 40 11.11 -42.87 9.36
CA GLY A 40 11.54 -43.91 10.32
C GLY A 40 12.18 -43.38 11.59
N VAL A 41 12.68 -42.15 11.54
CA VAL A 41 13.26 -41.48 12.72
C VAL A 41 12.16 -40.90 13.61
N PRO A 42 12.47 -40.60 14.88
CA PRO A 42 11.46 -40.06 15.80
C PRO A 42 10.71 -38.85 15.26
N ALA A 43 9.39 -38.86 15.45
CA ALA A 43 8.54 -37.71 15.15
C ALA A 43 8.79 -36.62 16.19
N PRO A 44 8.40 -35.37 15.89
CA PRO A 44 8.53 -34.33 16.91
C PRO A 44 7.69 -34.64 18.15
N ASN A 45 8.22 -34.29 19.31
CA ASN A 45 7.51 -34.41 20.57
C ASN A 45 7.10 -33.00 21.00
N PHE A 46 5.81 -32.69 20.85
CA PHE A 46 5.29 -31.37 21.22
C PHE A 46 4.64 -31.39 22.62
N GLY A 47 4.81 -32.50 23.33
CA GLY A 47 4.24 -32.68 24.66
C GLY A 47 4.10 -34.15 25.02
N LYS A 48 3.89 -34.98 24.00
CA LYS A 48 3.83 -36.44 24.15
C LYS A 48 4.52 -37.11 22.98
N ASP A 49 4.91 -38.38 23.17
CA ASP A 49 5.55 -39.15 22.12
C ASP A 49 4.56 -39.41 20.98
N ALA A 50 5.04 -39.30 19.74
CA ALA A 50 4.20 -39.53 18.57
C ALA A 50 4.78 -40.58 17.60
N GLY A 51 5.73 -41.38 18.07
CA GLY A 51 6.30 -42.46 17.26
C GLY A 51 7.31 -41.97 16.24
N MET A 52 7.20 -42.49 15.01
CA MET A 52 8.16 -42.24 13.95
C MET A 52 7.60 -41.31 12.88
N LEU A 53 8.48 -40.77 12.03
CA LEU A 53 8.06 -40.06 10.84
C LEU A 53 7.66 -41.05 9.75
N HIS A 54 6.47 -40.86 9.18
CA HIS A 54 5.94 -41.73 8.13
C HIS A 54 6.09 -41.12 6.75
N ASP A 55 6.00 -41.96 5.72
CA ASP A 55 6.16 -41.57 4.32
C ASP A 55 4.92 -40.80 3.83
N ALA A 56 5.08 -39.49 3.57
CA ALA A 56 3.98 -38.64 3.13
C ALA A 56 3.33 -39.06 1.81
N PHE A 57 3.99 -39.93 1.06
CA PHE A 57 3.51 -40.34 -0.26
C PHE A 57 2.95 -41.76 -0.29
N ASP A 58 2.99 -42.43 0.86
CA ASP A 58 2.54 -43.81 0.97
C ASP A 58 1.01 -43.89 1.12
N ILE A 59 0.34 -44.31 0.06
CA ILE A 59 -1.12 -44.39 0.03
C ILE A 59 -1.70 -45.27 1.14
N GLU A 60 -1.11 -46.46 1.33
CA GLU A 60 -1.58 -47.37 2.37
C GLU A 60 -1.51 -46.76 3.77
N SER A 61 -0.41 -46.04 4.06
CA SER A 61 -0.26 -45.35 5.35
C SER A 61 -1.31 -44.26 5.52
N LEU A 62 -1.48 -43.44 4.49
CA LEU A 62 -2.47 -42.36 4.54
C LEU A 62 -3.90 -42.89 4.68
N LYS A 63 -4.17 -44.05 4.07
CA LYS A 63 -5.48 -44.70 4.15
C LYS A 63 -5.90 -45.09 5.56
N GLN A 64 -4.92 -45.28 6.44
CA GLN A 64 -5.19 -45.67 7.83
C GLN A 64 -5.59 -44.49 8.73
N LEU A 65 -5.59 -43.29 8.15
CA LEU A 65 -5.87 -42.07 8.92
C LEU A 65 -7.34 -41.69 8.89
N ASP A 66 -7.81 -41.10 9.97
CA ASP A 66 -9.16 -40.54 10.02
C ASP A 66 -9.18 -39.14 9.40
N ALA A 67 -8.02 -38.48 9.44
CA ALA A 67 -7.87 -37.13 8.88
C ALA A 67 -6.43 -36.81 8.51
N VAL A 68 -6.27 -35.85 7.62
CA VAL A 68 -4.98 -35.29 7.24
C VAL A 68 -5.10 -33.77 7.36
N ILE A 69 -4.15 -33.15 8.06
CA ILE A 69 -3.96 -31.71 7.96
C ILE A 69 -2.65 -31.47 7.24
N THR A 70 -2.74 -30.87 6.05
CA THR A 70 -1.56 -30.62 5.24
C THR A 70 -1.30 -29.13 4.99
N CYS A 71 -0.08 -28.70 5.33
CA CYS A 71 0.41 -27.37 4.99
C CYS A 71 1.55 -27.48 3.97
N GLN A 72 1.64 -28.62 3.30
CA GLN A 72 2.78 -28.94 2.42
C GLN A 72 2.72 -28.18 1.09
N GLY A 73 1.53 -27.83 0.65
CA GLY A 73 1.36 -27.01 -0.55
C GLY A 73 0.70 -27.72 -1.71
N GLY A 74 0.47 -26.97 -2.79
CA GLY A 74 -0.30 -27.45 -3.94
C GLY A 74 0.26 -28.64 -4.69
N SER A 75 1.58 -28.66 -4.87
N SER A 75 1.58 -28.67 -4.87
CA SER A 75 2.27 -29.75 -5.55
CA SER A 75 2.23 -29.77 -5.57
C SER A 75 1.98 -31.08 -4.85
C SER A 75 2.01 -31.10 -4.86
N TYR A 76 2.10 -31.09 -3.53
CA TYR A 76 1.83 -32.27 -2.73
C TYR A 76 0.38 -32.73 -2.87
N THR A 77 -0.57 -31.80 -2.73
CA THR A 77 -1.99 -32.13 -2.85
C THR A 77 -2.30 -32.75 -4.21
N GLU A 78 -1.82 -32.12 -5.28
CA GLU A 78 -2.00 -32.64 -6.65
C GLU A 78 -1.45 -34.06 -6.82
N LYS A 79 -0.33 -34.34 -6.16
CA LYS A 79 0.34 -35.63 -6.28
C LYS A 79 -0.38 -36.74 -5.53
N VAL A 80 -0.94 -36.41 -4.36
CA VAL A 80 -1.41 -37.41 -3.41
C VAL A 80 -2.94 -37.51 -3.32
N TYR A 81 -3.61 -36.37 -3.31
CA TYR A 81 -5.06 -36.34 -3.07
C TYR A 81 -5.91 -37.18 -4.05
N PRO A 82 -5.71 -36.99 -5.38
CA PRO A 82 -6.54 -37.79 -6.30
C PRO A 82 -6.39 -39.29 -6.09
N ALA A 83 -5.15 -39.77 -5.99
CA ALA A 83 -4.88 -41.19 -5.77
C ALA A 83 -5.49 -41.69 -4.45
N LEU A 84 -5.40 -40.87 -3.41
CA LEU A 84 -5.94 -41.24 -2.11
C LEU A 84 -7.45 -41.44 -2.14
N ARG A 85 -8.17 -40.50 -2.76
CA ARG A 85 -9.63 -40.62 -2.92
C ARG A 85 -10.00 -41.78 -3.85
N GLN A 86 -9.25 -41.95 -4.93
CA GLN A 86 -9.47 -43.05 -5.88
CA GLN A 86 -9.49 -43.05 -5.88
C GLN A 86 -9.28 -44.42 -5.21
N ALA A 87 -8.38 -44.47 -4.22
CA ALA A 87 -8.10 -45.71 -3.48
C ALA A 87 -9.17 -46.02 -2.43
N GLY A 88 -10.14 -45.12 -2.27
CA GLY A 88 -11.31 -45.37 -1.42
C GLY A 88 -11.29 -44.71 -0.05
N TRP A 89 -10.33 -43.82 0.18
CA TRP A 89 -10.21 -43.13 1.46
C TRP A 89 -11.33 -42.14 1.66
N LYS A 90 -12.01 -42.25 2.80
CA LYS A 90 -13.16 -41.41 3.11
C LYS A 90 -12.90 -40.49 4.31
N GLY A 91 -11.62 -40.32 4.67
CA GLY A 91 -11.27 -39.48 5.81
C GLY A 91 -11.29 -37.99 5.47
N TYR A 92 -11.05 -37.16 6.47
CA TYR A 92 -11.09 -35.71 6.30
C TYR A 92 -9.77 -35.15 5.81
N TRP A 93 -9.82 -34.40 4.72
CA TRP A 93 -8.65 -33.75 4.15
C TRP A 93 -8.76 -32.28 4.45
N ILE A 94 -7.87 -31.80 5.32
CA ILE A 94 -7.85 -30.39 5.74
C ILE A 94 -6.58 -29.76 5.17
N ASP A 95 -6.74 -28.76 4.31
CA ASP A 95 -5.66 -28.32 3.43
C ASP A 95 -5.52 -26.79 3.39
N ALA A 96 -4.28 -26.32 3.54
CA ALA A 96 -3.95 -24.91 3.37
C ALA A 96 -3.84 -24.48 1.91
N ALA A 97 -3.56 -25.43 1.02
CA ALA A 97 -3.30 -25.12 -0.40
C ALA A 97 -4.53 -24.70 -1.19
N SER A 98 -4.32 -23.95 -2.26
CA SER A 98 -5.42 -23.46 -3.10
C SER A 98 -6.03 -24.54 -4.00
N THR A 99 -5.27 -25.61 -4.23
CA THR A 99 -5.62 -26.67 -5.19
C THR A 99 -7.11 -27.05 -5.23
N LEU A 100 -7.68 -27.36 -4.07
CA LEU A 100 -9.03 -27.93 -4.00
C LEU A 100 -10.14 -26.94 -3.63
N ARG A 101 -9.80 -25.66 -3.46
CA ARG A 101 -10.78 -24.67 -3.00
C ARG A 101 -12.07 -24.65 -3.80
N MET A 102 -11.95 -24.67 -5.13
CA MET A 102 -13.11 -24.55 -6.01
C MET A 102 -13.62 -25.90 -6.51
N ASP A 103 -13.14 -26.98 -5.88
CA ASP A 103 -13.65 -28.32 -6.16
C ASP A 103 -15.06 -28.47 -5.60
N LYS A 104 -15.93 -29.09 -6.39
CA LYS A 104 -17.33 -29.32 -6.01
C LYS A 104 -17.51 -30.13 -4.73
N GLU A 105 -16.48 -30.91 -4.36
CA GLU A 105 -16.55 -31.76 -3.19
C GLU A 105 -15.84 -31.14 -1.98
N ALA A 106 -15.41 -29.90 -2.12
CA ALA A 106 -14.70 -29.21 -1.04
C ALA A 106 -15.47 -28.01 -0.51
N ILE A 107 -15.32 -27.75 0.79
CA ILE A 107 -15.84 -26.55 1.42
C ILE A 107 -14.66 -25.68 1.84
N ILE A 108 -14.72 -24.39 1.52
CA ILE A 108 -13.71 -23.45 2.02
C ILE A 108 -14.10 -23.09 3.45
N THR A 109 -13.16 -23.26 4.38
CA THR A 109 -13.45 -23.13 5.81
CA THR A 109 -13.45 -23.12 5.82
C THR A 109 -12.97 -21.81 6.42
N LEU A 110 -13.92 -21.07 6.99
CA LEU A 110 -13.65 -19.86 7.77
C LEU A 110 -14.79 -19.74 8.78
N ASP A 111 -14.75 -20.59 9.80
CA ASP A 111 -15.93 -20.85 10.63
C ASP A 111 -16.59 -19.63 11.32
N PRO A 112 -15.81 -18.58 11.69
CA PRO A 112 -16.52 -17.41 12.25
C PRO A 112 -17.52 -16.83 11.26
N VAL A 113 -17.27 -17.06 9.97
CA VAL A 113 -18.15 -16.60 8.90
C VAL A 113 -19.12 -17.69 8.45
N ASN A 114 -18.62 -18.91 8.22
CA ASN A 114 -19.47 -19.96 7.63
C ASN A 114 -19.59 -21.28 8.42
N LEU A 115 -19.61 -21.18 9.76
CA LEU A 115 -19.81 -22.38 10.59
C LEU A 115 -21.00 -23.24 10.15
N LYS A 116 -22.12 -22.58 9.84
CA LYS A 116 -23.34 -23.27 9.43
C LYS A 116 -23.10 -24.14 8.18
N GLN A 117 -22.43 -23.56 7.19
CA GLN A 117 -22.06 -24.26 5.96
C GLN A 117 -21.13 -25.45 6.24
N ILE A 118 -20.12 -25.23 7.08
CA ILE A 118 -19.19 -26.30 7.48
C ILE A 118 -19.92 -27.48 8.14
N LEU A 119 -20.78 -27.16 9.12
CA LEU A 119 -21.55 -28.18 9.84
C LEU A 119 -22.48 -28.97 8.92
N HIS A 120 -23.17 -28.25 8.02
CA HIS A 120 -24.02 -28.91 7.03
C HIS A 120 -23.23 -29.88 6.19
N GLY A 121 -22.04 -29.46 5.77
CA GLY A 121 -21.13 -30.32 5.01
C GLY A 121 -20.71 -31.56 5.76
N ILE A 122 -20.28 -31.39 7.01
CA ILE A 122 -19.89 -32.51 7.87
C ILE A 122 -21.02 -33.54 8.00
N HIS A 123 -22.25 -33.04 8.17
CA HIS A 123 -23.42 -33.91 8.36
C HIS A 123 -23.90 -34.57 7.10
N HIS A 124 -23.52 -34.04 5.95
CA HIS A 124 -24.02 -34.54 4.68
C HIS A 124 -22.97 -35.18 3.79
N GLY A 125 -21.81 -35.45 4.37
CA GLY A 125 -20.79 -36.26 3.69
C GLY A 125 -19.63 -35.54 3.02
N THR A 126 -19.52 -34.23 3.24
CA THR A 126 -18.33 -33.50 2.76
C THR A 126 -17.11 -33.90 3.59
N LYS A 127 -16.02 -34.23 2.91
CA LYS A 127 -14.82 -34.75 3.57
C LYS A 127 -13.57 -33.90 3.29
N THR A 128 -13.72 -32.87 2.47
CA THR A 128 -12.59 -32.03 2.09
C THR A 128 -12.85 -30.58 2.50
N PHE A 129 -11.95 -30.05 3.31
CA PHE A 129 -12.10 -28.71 3.88
C PHE A 129 -10.82 -27.93 3.67
N VAL A 130 -10.95 -26.79 3.01
CA VAL A 130 -9.78 -26.06 2.52
C VAL A 130 -9.79 -24.64 3.08
N GLY A 131 -8.68 -24.22 3.67
CA GLY A 131 -8.53 -22.82 4.08
C GLY A 131 -8.51 -21.92 2.85
N GLY A 132 -9.12 -20.75 2.96
CA GLY A 132 -9.18 -19.82 1.83
C GLY A 132 -7.94 -18.96 1.66
N ASN A 133 -7.89 -18.22 0.55
CA ASN A 133 -6.86 -17.22 0.28
C ASN A 133 -6.69 -16.28 1.49
N CYS A 134 -5.45 -15.96 1.83
CA CYS A 134 -5.16 -15.13 3.01
C CYS A 134 -5.93 -13.79 3.00
N THR A 135 -5.89 -13.06 1.88
CA THR A 135 -6.56 -11.76 1.81
C THR A 135 -8.08 -11.88 1.96
N VAL A 136 -8.64 -12.93 1.37
CA VAL A 136 -10.09 -13.22 1.44
C VAL A 136 -10.54 -13.49 2.88
N SER A 137 -9.80 -14.36 3.56
N SER A 137 -9.81 -14.37 3.57
CA SER A 137 -10.11 -14.73 4.94
CA SER A 137 -10.15 -14.71 4.95
C SER A 137 -10.01 -13.53 5.88
C SER A 137 -10.02 -13.52 5.89
N LEU A 138 -8.97 -12.72 5.68
CA LEU A 138 -8.73 -11.54 6.51
C LEU A 138 -9.79 -10.47 6.28
N MET A 139 -10.20 -10.30 5.03
CA MET A 139 -11.27 -9.36 4.70
C MET A 139 -12.59 -9.78 5.34
N LEU A 140 -12.93 -11.06 5.24
CA LEU A 140 -14.19 -11.56 5.81
C LEU A 140 -14.20 -11.59 7.34
N MET A 141 -13.04 -11.75 7.95
CA MET A 141 -12.91 -11.65 9.41
C MET A 141 -13.18 -10.23 9.87
N ALA A 142 -12.83 -9.26 9.02
CA ALA A 142 -13.10 -7.85 9.29
C ALA A 142 -14.55 -7.46 8.98
N LEU A 143 -15.06 -7.92 7.85
CA LEU A 143 -16.36 -7.43 7.34
C LEU A 143 -17.51 -8.42 7.36
N GLY A 144 -17.32 -9.57 8.02
CA GLY A 144 -18.36 -10.60 8.10
C GLY A 144 -19.74 -10.10 8.49
N GLY A 145 -19.78 -9.17 9.44
CA GLY A 145 -21.04 -8.58 9.91
C GLY A 145 -21.89 -7.94 8.82
N LEU A 146 -21.23 -7.34 7.83
CA LEU A 146 -21.92 -6.71 6.70
C LEU A 146 -22.32 -7.74 5.65
N TYR A 147 -21.39 -8.64 5.34
CA TYR A 147 -21.63 -9.67 4.32
C TYR A 147 -22.74 -10.66 4.70
N GLU A 148 -22.76 -11.05 5.96
CA GLU A 148 -23.76 -12.01 6.45
C GLU A 148 -25.18 -11.45 6.42
N ARG A 149 -25.31 -10.12 6.44
CA ARG A 149 -26.60 -9.46 6.38
C ARG A 149 -27.03 -9.11 4.95
N GLY A 150 -26.22 -9.52 3.98
CA GLY A 150 -26.50 -9.27 2.56
C GLY A 150 -26.55 -7.79 2.20
N LEU A 151 -25.75 -6.99 2.89
CA LEU A 151 -25.77 -5.55 2.72
C LEU A 151 -24.78 -5.01 1.68
N VAL A 152 -23.86 -5.86 1.23
CA VAL A 152 -22.81 -5.42 0.31
C VAL A 152 -23.25 -5.59 -1.15
N GLU A 153 -23.31 -4.48 -1.87
CA GLU A 153 -23.66 -4.49 -3.29
C GLU A 153 -22.43 -4.86 -4.13
N TRP A 154 -21.31 -4.21 -3.84
CA TRP A 154 -20.00 -4.57 -4.41
C TRP A 154 -18.90 -4.01 -3.55
N MET A 155 -17.68 -4.48 -3.77
CA MET A 155 -16.54 -4.00 -3.01
C MET A 155 -15.27 -3.95 -3.85
N SER A 156 -14.63 -2.78 -3.86
CA SER A 156 -13.32 -2.62 -4.47
C SER A 156 -12.27 -2.77 -3.38
N ALA A 157 -11.28 -3.64 -3.60
CA ALA A 157 -10.24 -3.90 -2.60
C ALA A 157 -8.85 -3.62 -3.15
N MET A 158 -8.18 -2.63 -2.57
CA MET A 158 -6.79 -2.32 -2.92
C MET A 158 -5.92 -2.78 -1.77
N THR A 159 -5.03 -3.74 -2.04
CA THR A 159 -4.33 -4.43 -0.95
C THR A 159 -2.87 -4.04 -0.78
N TYR A 160 -2.36 -4.30 0.42
CA TYR A 160 -1.00 -4.01 0.82
C TYR A 160 -0.47 -5.30 1.44
N GLN A 161 0.03 -6.20 0.59
CA GLN A 161 0.29 -7.57 1.01
C GLN A 161 1.74 -7.85 1.40
N ALA A 162 1.89 -8.59 2.49
CA ALA A 162 3.18 -8.88 3.11
C ALA A 162 3.97 -9.95 2.35
N ALA A 163 5.28 -9.98 2.59
CA ALA A 163 6.18 -10.94 1.96
C ALA A 163 5.87 -12.41 2.30
N SER A 164 5.31 -12.65 3.49
CA SER A 164 5.00 -14.01 3.95
C SER A 164 4.03 -14.76 3.03
N GLY A 165 3.16 -14.02 2.36
CA GLY A 165 2.25 -14.62 1.37
C GLY A 165 2.99 -15.33 0.25
N ALA A 166 4.20 -14.85 -0.07
CA ALA A 166 5.02 -15.45 -1.11
C ALA A 166 5.91 -16.58 -0.59
N GLY A 167 6.26 -16.53 0.69
CA GLY A 167 7.06 -17.60 1.29
C GLY A 167 8.17 -17.09 2.21
N ALA A 168 8.76 -18.01 2.96
CA ALA A 168 9.84 -17.71 3.91
C ALA A 168 11.05 -17.08 3.23
N GLN A 169 11.42 -17.63 2.08
CA GLN A 169 12.57 -17.10 1.32
C GLN A 169 12.35 -15.66 0.87
N ASN A 170 11.11 -15.35 0.53
CA ASN A 170 10.72 -13.98 0.18
C ASN A 170 10.83 -13.01 1.35
N MET A 171 10.44 -13.46 2.54
CA MET A 171 10.60 -12.65 3.76
C MET A 171 12.06 -12.36 4.03
N ARG A 172 12.91 -13.39 3.90
CA ARG A 172 14.34 -13.23 4.10
C ARG A 172 14.91 -12.24 3.09
N GLU A 173 14.48 -12.36 1.83
CA GLU A 173 14.93 -11.44 0.78
C GLU A 173 14.54 -10.00 1.08
N LEU A 174 13.30 -9.80 1.54
CA LEU A 174 12.85 -8.47 1.95
C LEU A 174 13.80 -7.83 2.98
N ILE A 175 14.11 -8.57 4.04
CA ILE A 175 15.03 -8.06 5.08
C ILE A 175 16.43 -7.82 4.52
N SER A 176 16.92 -8.73 3.68
CA SER A 176 18.22 -8.56 3.04
C SER A 176 18.26 -7.30 2.17
N GLN A 177 17.20 -7.06 1.41
CA GLN A 177 17.08 -5.85 0.59
C GLN A 177 17.13 -4.58 1.46
N MET A 178 16.45 -4.62 2.61
CA MET A 178 16.48 -3.51 3.57
C MET A 178 17.90 -3.21 4.04
N GLY A 179 18.65 -4.27 4.33
CA GLY A 179 20.04 -4.16 4.74
C GLY A 179 20.93 -3.55 3.68
N VAL A 180 20.75 -4.00 2.44
CA VAL A 180 21.55 -3.50 1.30
C VAL A 180 21.28 -2.01 1.03
N ILE A 181 20.02 -1.59 1.13
CA ILE A 181 19.65 -0.17 1.02
C ILE A 181 20.38 0.66 2.08
N ASN A 182 20.25 0.27 3.35
CA ASN A 182 20.92 0.99 4.43
C ASN A 182 22.44 1.02 4.27
N ASP A 183 23.02 -0.13 3.91
CA ASP A 183 24.48 -0.25 3.73
C ASP A 183 25.03 0.81 2.78
N ALA A 184 24.25 1.14 1.76
CA ALA A 184 24.67 2.07 0.71
C ALA A 184 24.92 3.49 1.20
N VAL A 185 24.22 3.88 2.26
CA VAL A 185 24.28 5.25 2.76
C VAL A 185 24.51 5.38 4.26
N SER A 186 24.77 4.27 4.94
CA SER A 186 24.86 4.26 6.41
C SER A 186 25.94 5.19 6.96
N SER A 187 27.03 5.37 6.23
CA SER A 187 28.11 6.26 6.65
C SER A 187 27.65 7.72 6.80
N GLU A 188 26.76 8.17 5.91
CA GLU A 188 26.36 9.58 5.88
C GLU A 188 24.89 9.84 6.26
N LEU A 189 24.13 8.77 6.46
CA LEU A 189 22.69 8.88 6.72
C LEU A 189 22.35 9.76 7.94
N ALA A 190 23.09 9.59 9.03
CA ALA A 190 22.80 10.28 10.29
C ALA A 190 23.40 11.70 10.38
N ASN A 191 24.07 12.13 9.31
CA ASN A 191 24.66 13.45 9.22
C ASN A 191 23.69 14.40 8.49
N PRO A 192 23.03 15.32 9.24
CA PRO A 192 22.01 16.17 8.62
C PRO A 192 22.57 17.14 7.59
N ALA A 193 23.88 17.36 7.62
CA ALA A 193 24.55 18.24 6.65
C ALA A 193 24.85 17.57 5.31
N SER A 194 24.78 16.24 5.28
N SER A 194 24.75 16.23 5.27
CA SER A 194 24.99 15.48 4.05
CA SER A 194 25.01 15.46 4.06
C SER A 194 23.83 15.73 3.11
C SER A 194 23.83 15.54 3.10
N SER A 195 24.11 15.73 1.81
CA SER A 195 23.09 15.96 0.79
C SER A 195 22.04 14.85 0.74
N ILE A 196 20.79 15.21 1.00
CA ILE A 196 19.67 14.26 0.93
C ILE A 196 19.49 13.69 -0.49
N LEU A 197 19.80 14.50 -1.50
CA LEU A 197 19.69 14.05 -2.89
C LEU A 197 20.81 13.09 -3.25
N ASP A 198 21.99 13.28 -2.65
CA ASP A 198 23.09 12.32 -2.81
C ASP A 198 22.72 10.99 -2.15
N ILE A 199 22.09 11.04 -0.98
CA ILE A 199 21.61 9.84 -0.29
C ILE A 199 20.61 9.08 -1.16
N ASP A 200 19.63 9.82 -1.68
CA ASP A 200 18.63 9.24 -2.57
C ASP A 200 19.24 8.67 -3.85
N LYS A 201 20.22 9.39 -4.42
CA LYS A 201 20.93 8.94 -5.61
C LYS A 201 21.53 7.55 -5.38
N LYS A 202 22.21 7.38 -4.25
CA LYS A 202 22.86 6.12 -3.91
C LYS A 202 21.86 4.99 -3.65
N VAL A 203 20.75 5.34 -2.98
CA VAL A 203 19.69 4.37 -2.71
C VAL A 203 19.07 3.86 -4.01
N ALA A 204 18.73 4.80 -4.91
CA ALA A 204 18.15 4.45 -6.22
C ALA A 204 19.10 3.58 -7.04
N GLU A 205 20.38 3.95 -7.05
CA GLU A 205 21.41 3.21 -7.78
C GLU A 205 21.59 1.80 -7.23
N THR A 206 21.61 1.69 -5.91
CA THR A 206 21.76 0.41 -5.24
C THR A 206 20.59 -0.52 -5.58
N MET A 207 19.38 0.01 -5.50
CA MET A 207 18.17 -0.75 -5.80
C MET A 207 18.09 -1.20 -7.27
N ARG A 208 18.67 -0.41 -8.17
CA ARG A 208 18.69 -0.74 -9.61
C ARG A 208 19.85 -1.64 -10.02
N SER A 209 20.84 -1.79 -9.15
CA SER A 209 22.05 -2.55 -9.48
C SER A 209 21.74 -4.03 -9.63
N GLY A 210 22.51 -4.70 -10.48
CA GLY A 210 22.35 -6.14 -10.70
C GLY A 210 22.57 -6.94 -9.43
N SER A 211 23.43 -6.44 -8.55
CA SER A 211 23.76 -7.15 -7.31
C SER A 211 22.69 -7.05 -6.22
N PHE A 212 21.71 -6.15 -6.41
CA PHE A 212 20.61 -6.05 -5.46
C PHE A 212 19.88 -7.39 -5.41
N PRO A 213 19.66 -7.93 -4.20
CA PRO A 213 19.12 -9.29 -4.09
C PRO A 213 17.63 -9.38 -4.46
N THR A 214 17.34 -9.87 -5.66
CA THR A 214 15.97 -9.92 -6.19
C THR A 214 15.63 -11.30 -6.78
N ASP A 215 16.34 -12.34 -6.38
CA ASP A 215 16.10 -13.68 -6.91
C ASP A 215 14.65 -14.15 -6.75
N ASN A 216 14.07 -13.89 -5.59
CA ASN A 216 12.71 -14.35 -5.28
C ASN A 216 11.61 -13.44 -5.82
N PHE A 217 11.75 -12.13 -5.61
CA PHE A 217 10.74 -11.19 -6.06
C PHE A 217 10.88 -10.81 -7.53
N GLY A 218 12.11 -10.86 -8.04
CA GLY A 218 12.39 -10.49 -9.44
C GLY A 218 12.76 -9.02 -9.60
N VAL A 219 12.23 -8.20 -8.69
CA VAL A 219 12.45 -6.76 -8.67
C VAL A 219 12.58 -6.34 -7.19
N PRO A 220 13.00 -5.08 -6.92
CA PRO A 220 13.06 -4.68 -5.51
C PRO A 220 11.69 -4.66 -4.86
N LEU A 221 11.64 -5.02 -3.56
CA LEU A 221 10.43 -4.83 -2.78
C LEU A 221 10.64 -3.74 -1.73
N ALA A 222 11.68 -3.89 -0.92
CA ALA A 222 12.03 -2.85 0.06
C ALA A 222 12.27 -1.53 -0.69
N GLY A 223 11.68 -0.45 -0.18
CA GLY A 223 11.78 0.86 -0.82
C GLY A 223 10.86 1.05 -2.01
N SER A 224 10.05 0.04 -2.30
CA SER A 224 9.23 0.02 -3.51
C SER A 224 7.91 -0.71 -3.24
N LEU A 225 7.29 -1.20 -4.31
CA LEU A 225 6.11 -2.06 -4.23
C LEU A 225 5.98 -2.80 -5.55
N ILE A 226 5.12 -3.83 -5.58
CA ILE A 226 4.91 -4.60 -6.81
C ILE A 226 3.40 -4.81 -7.02
N PRO A 227 2.81 -4.05 -7.97
CA PRO A 227 1.35 -4.11 -8.18
C PRO A 227 0.90 -5.27 -9.06
N TRP A 228 1.46 -6.45 -8.80
CA TRP A 228 1.04 -7.68 -9.48
C TRP A 228 1.45 -8.85 -8.64
N ILE A 229 0.47 -9.68 -8.29
CA ILE A 229 0.71 -10.91 -7.53
C ILE A 229 0.09 -12.10 -8.26
N ASP A 230 0.94 -13.09 -8.55
CA ASP A 230 0.54 -14.36 -9.20
C ASP A 230 0.25 -14.18 -10.71
N VAL A 231 -0.14 -15.27 -11.37
CA VAL A 231 -0.25 -15.31 -12.83
C VAL A 231 -1.39 -14.46 -13.38
N LYS A 232 -1.25 -14.05 -14.64
CA LYS A 232 -2.29 -13.30 -15.32
C LYS A 232 -3.46 -14.21 -15.72
N ARG A 233 -4.67 -13.67 -15.59
CA ARG A 233 -5.85 -14.33 -16.14
C ARG A 233 -6.37 -13.55 -17.34
N ASP A 234 -7.15 -14.21 -18.18
CA ASP A 234 -7.56 -13.67 -19.48
C ASP A 234 -8.25 -12.31 -19.43
N ASN A 235 -9.04 -12.06 -18.38
CA ASN A 235 -9.77 -10.79 -18.26
C ASN A 235 -8.92 -9.61 -17.76
N GLY A 236 -7.64 -9.86 -17.51
CA GLY A 236 -6.75 -8.79 -17.06
C GLY A 236 -6.46 -8.78 -15.58
N GLN A 237 -7.24 -9.55 -14.81
CA GLN A 237 -6.96 -9.74 -13.39
C GLN A 237 -5.72 -10.60 -13.22
N SER A 238 -5.02 -10.41 -12.10
CA SER A 238 -4.06 -11.40 -11.63
C SER A 238 -4.86 -12.47 -10.90
N LYS A 239 -4.29 -13.66 -10.76
CA LYS A 239 -4.96 -14.75 -10.05
C LYS A 239 -5.28 -14.35 -8.60
N GLU A 240 -4.40 -13.56 -7.98
CA GLU A 240 -4.63 -13.08 -6.61
C GLU A 240 -5.91 -12.24 -6.52
N GLU A 241 -6.10 -11.37 -7.52
CA GLU A 241 -7.27 -10.49 -7.57
C GLU A 241 -8.55 -11.29 -7.81
N TRP A 242 -8.47 -12.29 -8.67
CA TRP A 242 -9.60 -13.14 -9.03
C TRP A 242 -10.06 -14.03 -7.89
N LYS A 243 -9.10 -14.45 -7.05
CA LYS A 243 -9.42 -15.35 -5.92
C LYS A 243 -10.48 -14.81 -4.96
N ALA A 244 -10.42 -13.50 -4.70
CA ALA A 244 -11.33 -12.86 -3.76
C ALA A 244 -12.81 -13.12 -4.10
N GLY A 245 -13.19 -12.79 -5.33
CA GLY A 245 -14.57 -12.93 -5.78
C GLY A 245 -15.09 -14.36 -5.75
N VAL A 246 -14.31 -15.29 -6.28
CA VAL A 246 -14.76 -16.68 -6.35
C VAL A 246 -14.80 -17.35 -4.98
N GLU A 247 -13.78 -17.10 -4.16
CA GLU A 247 -13.68 -17.75 -2.84
C GLU A 247 -14.65 -17.18 -1.81
N ALA A 248 -14.74 -15.84 -1.73
CA ALA A 248 -15.64 -15.20 -0.76
C ALA A 248 -17.08 -15.60 -1.04
N ASN A 249 -17.45 -15.61 -2.31
CA ASN A 249 -18.80 -16.01 -2.69
C ASN A 249 -19.11 -17.49 -2.47
N LYS A 250 -18.09 -18.34 -2.55
CA LYS A 250 -18.26 -19.75 -2.18
C LYS A 250 -18.46 -19.87 -0.66
N ILE A 251 -17.59 -19.22 0.10
CA ILE A 251 -17.68 -19.19 1.57
C ILE A 251 -19.07 -18.73 2.01
N LEU A 252 -19.56 -17.67 1.37
CA LEU A 252 -20.83 -17.05 1.74
C LEU A 252 -22.04 -17.74 1.14
N GLY A 253 -21.82 -18.70 0.25
CA GLY A 253 -22.89 -19.45 -0.40
C GLY A 253 -23.73 -18.61 -1.35
N LEU A 254 -23.06 -17.73 -2.10
CA LEU A 254 -23.74 -16.77 -2.97
C LEU A 254 -23.35 -16.93 -4.45
N GLN A 255 -22.92 -18.13 -4.83
CA GLN A 255 -22.42 -18.38 -6.18
C GLN A 255 -23.46 -18.16 -7.28
N ASP A 256 -24.74 -18.28 -6.92
CA ASP A 256 -25.84 -18.04 -7.86
C ASP A 256 -26.11 -16.54 -8.06
N SER A 257 -25.74 -15.73 -7.08
CA SER A 257 -25.86 -14.27 -7.17
C SER A 257 -24.71 -13.60 -6.40
N PRO A 258 -23.49 -13.62 -6.98
CA PRO A 258 -22.28 -13.23 -6.25
C PRO A 258 -22.14 -11.74 -6.01
N VAL A 259 -21.46 -11.36 -4.94
CA VAL A 259 -21.07 -9.97 -4.72
C VAL A 259 -19.84 -9.73 -5.59
N PRO A 260 -19.89 -8.73 -6.48
CA PRO A 260 -18.68 -8.40 -7.24
C PRO A 260 -17.60 -7.84 -6.34
N ILE A 261 -16.44 -8.49 -6.34
CA ILE A 261 -15.29 -8.05 -5.56
C ILE A 261 -14.11 -8.00 -6.53
N ASP A 262 -13.40 -6.87 -6.56
CA ASP A 262 -12.29 -6.68 -7.49
C ASP A 262 -11.40 -5.56 -6.97
N GLY A 263 -10.22 -5.44 -7.57
CA GLY A 263 -9.27 -4.39 -7.21
C GLY A 263 -7.87 -4.78 -7.62
N THR A 264 -6.88 -4.12 -7.05
CA THR A 264 -5.48 -4.38 -7.36
C THR A 264 -4.78 -4.92 -6.12
N CYS A 265 -4.12 -6.07 -6.28
CA CYS A 265 -3.36 -6.68 -5.21
C CYS A 265 -1.88 -6.31 -5.34
N VAL A 266 -1.36 -5.64 -4.31
CA VAL A 266 -0.02 -5.04 -4.35
C VAL A 266 0.83 -5.63 -3.23
N ARG A 267 2.04 -6.09 -3.58
CA ARG A 267 3.01 -6.53 -2.59
C ARG A 267 3.77 -5.32 -2.04
N ILE A 268 3.84 -5.22 -0.72
CA ILE A 268 4.61 -4.15 -0.06
C ILE A 268 5.62 -4.75 0.92
N GLY A 269 6.53 -3.93 1.42
CA GLY A 269 7.59 -4.42 2.30
C GLY A 269 7.19 -4.66 3.75
N ALA A 270 6.16 -5.46 3.97
CA ALA A 270 5.77 -5.90 5.32
C ALA A 270 6.12 -7.38 5.49
N MET A 271 6.32 -7.82 6.74
CA MET A 271 6.74 -9.20 7.00
CA MET A 271 6.74 -9.20 7.01
C MET A 271 5.61 -10.21 6.83
N ARG A 272 4.57 -10.09 7.65
CA ARG A 272 3.50 -11.10 7.67
C ARG A 272 2.08 -10.61 7.94
N CYS A 273 1.84 -9.32 7.78
CA CYS A 273 0.48 -8.79 7.85
C CYS A 273 0.01 -8.23 6.52
N HIS A 274 -1.19 -8.63 6.11
CA HIS A 274 -1.85 -8.04 4.96
C HIS A 274 -2.73 -6.91 5.40
N SER A 275 -2.70 -5.81 4.65
CA SER A 275 -3.61 -4.68 4.89
C SER A 275 -4.45 -4.45 3.64
N GLN A 276 -5.65 -3.91 3.83
CA GLN A 276 -6.58 -3.71 2.71
C GLN A 276 -7.36 -2.43 2.88
N ALA A 277 -7.41 -1.66 1.79
CA ALA A 277 -8.17 -0.42 1.74
C ALA A 277 -9.39 -0.65 0.85
N LEU A 278 -10.57 -0.50 1.44
CA LEU A 278 -11.81 -0.99 0.84
C LEU A 278 -12.82 0.10 0.56
N THR A 279 -13.37 0.08 -0.66
CA THR A 279 -14.52 0.89 -1.02
C THR A 279 -15.71 -0.05 -1.06
N ILE A 280 -16.60 0.09 -0.07
CA ILE A 280 -17.71 -0.85 0.09
C ILE A 280 -19.00 -0.14 -0.27
N LYS A 281 -19.64 -0.61 -1.35
CA LYS A 281 -20.94 -0.11 -1.74
C LYS A 281 -22.01 -0.91 -1.02
N LEU A 282 -22.85 -0.21 -0.25
CA LEU A 282 -23.93 -0.84 0.48
C LEU A 282 -25.26 -0.72 -0.25
N LYS A 283 -26.13 -1.69 -0.07
CA LYS A 283 -27.44 -1.72 -0.74
C LYS A 283 -28.42 -0.71 -0.15
N GLN A 284 -28.13 -0.21 1.05
CA GLN A 284 -28.98 0.75 1.75
C GLN A 284 -28.15 1.77 2.48
N ASN A 285 -28.77 2.90 2.83
CA ASN A 285 -28.13 3.91 3.67
CA ASN A 285 -28.15 3.91 3.67
C ASN A 285 -28.31 3.56 5.14
N ILE A 286 -27.28 2.92 5.71
CA ILE A 286 -27.29 2.49 7.10
C ILE A 286 -26.48 3.48 7.94
N PRO A 287 -27.02 3.91 9.10
CA PRO A 287 -26.26 4.81 9.98
C PRO A 287 -24.90 4.22 10.34
N LEU A 288 -23.89 5.07 10.44
CA LEU A 288 -22.52 4.62 10.72
C LEU A 288 -22.42 3.83 12.03
N ASP A 289 -23.17 4.27 13.05
CA ASP A 289 -23.25 3.58 14.35
CA ASP A 289 -23.18 3.58 14.34
C ASP A 289 -23.64 2.13 14.20
N GLU A 290 -24.70 1.92 13.42
CA GLU A 290 -25.24 0.57 13.19
C GLU A 290 -24.24 -0.30 12.41
N ILE A 291 -23.58 0.29 11.41
CA ILE A 291 -22.50 -0.39 10.68
C ILE A 291 -21.39 -0.82 11.63
N GLU A 292 -20.98 0.09 12.53
CA GLU A 292 -19.95 -0.20 13.52
C GLU A 292 -20.33 -1.37 14.42
N GLU A 293 -21.59 -1.40 14.86
CA GLU A 293 -22.09 -2.49 15.71
C GLU A 293 -22.12 -3.82 14.94
N MET A 294 -22.63 -3.77 13.71
CA MET A 294 -22.72 -4.96 12.85
C MET A 294 -21.34 -5.59 12.65
N ILE A 295 -20.35 -4.74 12.38
CA ILE A 295 -18.98 -5.21 12.17
C ILE A 295 -18.38 -5.75 13.47
N ALA A 296 -18.43 -4.95 14.52
CA ALA A 296 -17.78 -5.28 15.79
C ALA A 296 -18.32 -6.54 16.46
N THR A 297 -19.62 -6.79 16.35
CA THR A 297 -20.25 -7.90 17.06
C THR A 297 -20.25 -9.23 16.30
N HIS A 298 -19.66 -9.24 15.10
CA HIS A 298 -19.66 -10.45 14.28
C HIS A 298 -18.85 -11.57 14.86
N ASN A 299 -17.66 -11.23 15.37
CA ASN A 299 -16.75 -12.24 15.91
C ASN A 299 -15.84 -11.69 17.00
N ASP A 300 -15.13 -12.58 17.70
CA ASP A 300 -14.32 -12.22 18.85
C ASP A 300 -13.01 -11.52 18.52
N TRP A 301 -12.63 -11.49 17.24
CA TRP A 301 -11.28 -11.05 16.84
C TRP A 301 -11.24 -9.73 16.12
N VAL A 302 -12.28 -9.43 15.36
CA VAL A 302 -12.41 -8.11 14.73
C VAL A 302 -12.38 -7.04 15.82
N LYS A 303 -11.68 -5.94 15.54
CA LYS A 303 -11.56 -4.85 16.51
C LYS A 303 -11.75 -3.52 15.78
N VAL A 304 -12.85 -2.82 16.08
CA VAL A 304 -13.15 -1.57 15.39
C VAL A 304 -12.47 -0.41 16.09
N ILE A 305 -11.54 0.23 15.38
CA ILE A 305 -10.69 1.28 15.91
C ILE A 305 -11.37 2.64 15.70
N PRO A 306 -11.44 3.49 16.75
CA PRO A 306 -11.97 4.86 16.59
C PRO A 306 -11.30 5.57 15.43
N ASN A 307 -12.07 6.40 14.71
CA ASN A 307 -11.54 7.08 13.54
C ASN A 307 -10.78 8.35 13.93
N GLU A 308 -9.60 8.15 14.51
CA GLU A 308 -8.78 9.24 15.04
C GLU A 308 -7.32 8.96 14.71
N ARG A 309 -6.57 10.03 14.42
CA ARG A 309 -5.21 9.94 13.91
C ARG A 309 -4.25 9.12 14.79
N ASP A 310 -4.10 9.54 16.05
CA ASP A 310 -3.11 8.92 16.94
C ASP A 310 -3.40 7.43 17.21
N ILE A 311 -4.66 7.11 17.52
CA ILE A 311 -5.05 5.72 17.79
CA ILE A 311 -5.06 5.73 17.78
C ILE A 311 -4.92 4.87 16.53
N THR A 312 -5.25 5.44 15.37
CA THR A 312 -5.11 4.72 14.09
C THR A 312 -3.64 4.38 13.83
N ALA A 313 -2.76 5.37 14.04
CA ALA A 313 -1.33 5.19 13.82
C ALA A 313 -0.74 4.11 14.73
N ARG A 314 -1.31 3.96 15.93
CA ARG A 314 -0.85 3.00 16.91
C ARG A 314 -1.46 1.59 16.76
N GLU A 315 -2.71 1.52 16.31
CA GLU A 315 -3.49 0.28 16.35
CA GLU A 315 -3.47 0.27 16.35
C GLU A 315 -3.72 -0.38 14.99
N LEU A 316 -3.81 0.43 13.94
CA LEU A 316 -4.23 -0.08 12.63
C LEU A 316 -3.04 -0.29 11.67
N THR A 317 -2.08 -1.10 12.10
CA THR A 317 -0.82 -1.27 11.37
C THR A 317 -0.29 -2.69 11.53
N PRO A 318 0.52 -3.16 10.56
CA PRO A 318 1.24 -4.42 10.72
C PRO A 318 2.11 -4.47 11.98
N ALA A 319 2.75 -3.36 12.33
CA ALA A 319 3.57 -3.31 13.55
C ALA A 319 2.78 -3.74 14.79
N LYS A 320 1.52 -3.29 14.87
CA LYS A 320 0.64 -3.66 15.98
C LYS A 320 0.16 -5.12 15.87
N VAL A 321 -0.27 -5.50 14.68
CA VAL A 321 -0.99 -6.76 14.48
C VAL A 321 -0.11 -8.00 14.40
N THR A 322 1.13 -7.86 13.91
CA THR A 322 1.99 -9.02 13.63
CA THR A 322 2.03 -9.00 13.65
C THR A 322 2.06 -10.03 14.77
N GLY A 323 1.80 -11.29 14.42
CA GLY A 323 1.86 -12.40 15.36
C GLY A 323 0.69 -12.51 16.31
N THR A 324 -0.39 -11.75 16.05
CA THR A 324 -1.60 -11.79 16.88
C THR A 324 -2.83 -12.23 16.08
N LEU A 325 -3.87 -12.66 16.78
CA LEU A 325 -5.12 -13.08 16.16
C LEU A 325 -6.12 -11.94 15.97
N SER A 326 -5.71 -10.73 16.31
CA SER A 326 -6.57 -9.55 16.21
C SER A 326 -6.71 -9.08 14.77
N VAL A 327 -7.92 -8.68 14.40
CA VAL A 327 -8.20 -8.15 13.06
C VAL A 327 -8.81 -6.74 13.18
N PRO A 328 -7.96 -5.71 13.35
CA PRO A 328 -8.50 -4.36 13.47
C PRO A 328 -9.05 -3.85 12.14
N VAL A 329 -10.11 -3.05 12.23
CA VAL A 329 -10.67 -2.37 11.09
C VAL A 329 -10.96 -0.94 11.52
N GLY A 330 -10.57 0.03 10.70
CA GLY A 330 -10.73 1.44 11.06
C GLY A 330 -10.96 2.30 9.85
N ARG A 331 -10.82 3.61 10.04
CA ARG A 331 -11.15 4.61 9.02
C ARG A 331 -12.57 4.39 8.48
N LEU A 332 -13.45 3.83 9.33
CA LEU A 332 -14.82 3.54 8.93
C LEU A 332 -15.65 4.81 8.87
N ARG A 333 -16.07 5.16 7.65
CA ARG A 333 -16.79 6.41 7.41
C ARG A 333 -17.51 6.35 6.07
N LYS A 334 -18.56 7.15 5.92
CA LYS A 334 -19.22 7.34 4.63
C LYS A 334 -18.35 8.19 3.72
N MET A 335 -18.42 7.93 2.42
CA MET A 335 -17.53 8.57 1.46
C MET A 335 -18.21 9.69 0.69
N ALA A 336 -17.40 10.52 0.03
CA ALA A 336 -17.91 11.65 -0.76
C ALA A 336 -18.95 11.25 -1.82
N MET A 337 -18.83 10.00 -2.29
CA MET A 337 -19.74 9.48 -3.32
C MET A 337 -21.18 9.29 -2.84
N GLY A 338 -21.38 9.22 -1.53
CA GLY A 338 -22.72 9.07 -0.97
C GLY A 338 -22.76 8.28 0.32
N ASP A 339 -23.92 8.31 0.97
CA ASP A 339 -24.09 7.62 2.26
C ASP A 339 -24.23 6.10 2.13
N ASP A 340 -24.22 5.60 0.89
CA ASP A 340 -24.15 4.16 0.64
C ASP A 340 -22.76 3.69 0.19
N PHE A 341 -21.77 4.57 0.35
CA PHE A 341 -20.37 4.22 0.11
C PHE A 341 -19.64 4.24 1.45
N LEU A 342 -19.02 3.12 1.79
CA LEU A 342 -18.32 2.99 3.07
C LEU A 342 -16.84 2.71 2.84
N ASN A 343 -16.01 3.57 3.42
CA ASN A 343 -14.56 3.34 3.43
C ASN A 343 -14.19 2.48 4.63
N ALA A 344 -13.27 1.54 4.42
CA ALA A 344 -12.71 0.76 5.52
C ALA A 344 -11.24 0.46 5.25
N PHE A 345 -10.44 0.45 6.32
CA PHE A 345 -9.07 -0.04 6.23
C PHE A 345 -8.84 -1.08 7.31
N THR A 346 -8.32 -2.25 6.91
CA THR A 346 -8.14 -3.35 7.84
C THR A 346 -6.75 -4.00 7.72
N VAL A 347 -6.27 -4.55 8.82
CA VAL A 347 -4.98 -5.22 8.90
C VAL A 347 -5.16 -6.57 9.58
N GLY A 348 -4.52 -7.60 9.04
CA GLY A 348 -4.59 -8.94 9.64
C GLY A 348 -3.31 -9.74 9.43
N ASP A 349 -3.03 -10.64 10.37
CA ASP A 349 -1.86 -11.50 10.26
C ASP A 349 -2.08 -12.60 9.21
N GLN A 350 -1.20 -12.66 8.22
CA GLN A 350 -1.34 -13.59 7.10
C GLN A 350 -1.18 -15.05 7.53
N LEU A 351 -0.37 -15.29 8.55
CA LEU A 351 -0.04 -16.66 8.94
C LEU A 351 -1.06 -17.27 9.89
N LEU A 352 -1.81 -16.43 10.59
CA LEU A 352 -2.81 -16.93 11.54
C LEU A 352 -4.19 -17.12 10.88
N TRP A 353 -5.04 -16.10 10.92
CA TRP A 353 -6.34 -16.21 10.25
C TRP A 353 -6.22 -16.44 8.76
N GLY A 354 -5.12 -15.96 8.18
CA GLY A 354 -4.88 -16.09 6.74
C GLY A 354 -4.28 -17.42 6.30
N ALA A 355 -3.96 -18.29 7.24
CA ALA A 355 -3.35 -19.59 6.91
C ALA A 355 -3.64 -20.70 7.92
N ALA A 356 -2.99 -20.66 9.08
CA ALA A 356 -3.01 -21.78 10.02
C ALA A 356 -4.29 -21.90 10.85
N GLU A 357 -4.85 -20.78 11.28
CA GLU A 357 -5.95 -20.82 12.26
C GLU A 357 -7.21 -21.56 11.78
N PRO A 358 -7.67 -21.32 10.53
CA PRO A 358 -8.86 -22.06 10.10
C PRO A 358 -8.65 -23.57 10.05
N LEU A 359 -7.41 -24.02 9.85
CA LEU A 359 -7.11 -25.45 9.78
C LEU A 359 -7.31 -26.14 11.13
N ARG A 360 -6.72 -25.59 12.19
CA ARG A 360 -6.90 -26.16 13.53
C ARG A 360 -8.35 -26.05 14.03
N ARG A 361 -9.02 -24.95 13.71
CA ARG A 361 -10.42 -24.77 14.09
C ARG A 361 -11.34 -25.79 13.40
N THR A 362 -11.06 -26.06 12.11
CA THR A 362 -11.81 -27.09 11.38
C THR A 362 -11.65 -28.46 12.00
N LEU A 363 -10.43 -28.80 12.40
CA LEU A 363 -10.16 -30.05 13.12
C LEU A 363 -11.02 -30.13 14.38
N ARG A 364 -11.06 -29.05 15.15
CA ARG A 364 -11.82 -29.01 16.41
C ARG A 364 -13.32 -29.17 16.18
N ILE A 365 -13.81 -28.53 15.12
CA ILE A 365 -15.22 -28.65 14.73
C ILE A 365 -15.58 -30.08 14.35
N ILE A 366 -14.72 -30.72 13.55
CA ILE A 366 -14.94 -32.11 13.15
C ILE A 366 -14.93 -33.04 14.38
N LEU A 367 -13.97 -32.82 15.29
CA LEU A 367 -13.90 -33.57 16.54
C LEU A 367 -15.18 -33.47 17.38
N ALA A 368 -15.71 -32.25 17.50
CA ALA A 368 -16.89 -32.00 18.32
C ALA A 368 -18.20 -32.54 17.71
N GLU A 369 -18.16 -32.91 16.44
CA GLU A 369 -19.32 -33.48 15.76
C GLU A 369 -19.15 -34.99 15.56
N MET B 1 14.00 39.86 -15.18
CA MET B 1 13.11 39.51 -14.05
C MET B 1 13.93 39.11 -12.83
N ARG B 2 13.71 39.81 -11.71
CA ARG B 2 14.39 39.50 -10.46
C ARG B 2 13.55 38.52 -9.66
N VAL B 3 14.06 37.29 -9.52
CA VAL B 3 13.31 36.22 -8.86
C VAL B 3 13.97 35.80 -7.56
N GLY B 4 13.23 35.93 -6.46
CA GLY B 4 13.67 35.49 -5.15
C GLY B 4 13.45 34.00 -4.96
N LEU B 5 14.43 33.33 -4.36
CA LEU B 5 14.32 31.91 -4.04
C LEU B 5 14.33 31.71 -2.53
N VAL B 6 13.27 31.10 -2.02
CA VAL B 6 13.13 30.84 -0.59
C VAL B 6 12.94 29.35 -0.34
N GLY B 7 13.67 28.81 0.64
CA GLY B 7 13.61 27.39 0.95
C GLY B 7 14.36 26.54 -0.06
N TRP B 8 15.32 27.14 -0.75
CA TRP B 8 16.09 26.48 -1.81
C TRP B 8 17.05 25.44 -1.28
N ARG B 9 17.40 25.55 0.00
CA ARG B 9 18.36 24.62 0.61
C ARG B 9 17.71 23.33 1.11
N GLY B 10 16.38 23.34 1.27
CA GLY B 10 15.63 22.16 1.70
C GLY B 10 15.49 21.11 0.60
N MET B 11 14.76 20.04 0.88
CA MET B 11 14.66 18.91 -0.04
C MET B 11 13.95 19.24 -1.36
N VAL B 12 12.74 19.79 -1.27
CA VAL B 12 12.00 20.23 -2.46
C VAL B 12 12.78 21.34 -3.17
N GLY B 13 13.37 22.22 -2.36
CA GLY B 13 14.23 23.30 -2.87
C GLY B 13 15.43 22.78 -3.64
N SER B 14 16.07 21.74 -3.12
CA SER B 14 17.25 21.15 -3.76
C SER B 14 16.90 20.53 -5.11
N VAL B 15 15.74 19.88 -5.16
CA VAL B 15 15.23 19.29 -6.42
C VAL B 15 14.94 20.41 -7.41
N LEU B 16 14.27 21.48 -6.94
CA LEU B 16 14.02 22.65 -7.77
C LEU B 16 15.31 23.25 -8.32
N MET B 17 16.32 23.40 -7.47
CA MET B 17 17.62 23.93 -7.91
C MET B 17 18.24 23.05 -8.99
N GLN B 18 18.21 21.74 -8.79
CA GLN B 18 18.76 20.79 -9.76
C GLN B 18 18.05 20.89 -11.10
N ARG B 19 16.73 21.02 -11.06
CA ARG B 19 15.92 21.11 -12.27
C ARG B 19 16.13 22.43 -13.00
N MET B 20 16.24 23.52 -12.25
CA MET B 20 16.53 24.84 -12.84
C MET B 20 17.90 24.90 -13.51
N VAL B 21 18.88 24.20 -12.94
CA VAL B 21 20.22 24.08 -13.55
C VAL B 21 20.15 23.24 -14.82
N GLU B 22 19.49 22.09 -14.74
CA GLU B 22 19.35 21.16 -15.86
C GLU B 22 18.67 21.79 -17.07
N GLU B 23 17.67 22.64 -16.82
CA GLU B 23 16.89 23.27 -17.88
C GLU B 23 17.37 24.69 -18.20
N ARG B 24 18.47 25.08 -17.56
CA ARG B 24 19.09 26.41 -17.74
C ARG B 24 18.13 27.57 -17.48
N ASP B 25 17.30 27.42 -16.45
CA ASP B 25 16.33 28.45 -16.06
C ASP B 25 17.02 29.71 -15.55
N PHE B 26 18.19 29.53 -14.93
CA PHE B 26 18.95 30.65 -14.37
C PHE B 26 19.46 31.62 -15.44
N ASP B 27 19.63 31.13 -16.66
CA ASP B 27 20.02 31.95 -17.81
C ASP B 27 19.01 33.06 -18.11
N LEU B 28 17.75 32.83 -17.72
CA LEU B 28 16.64 33.70 -18.09
C LEU B 28 16.23 34.69 -17.00
N ILE B 29 16.77 34.52 -15.80
CA ILE B 29 16.39 35.35 -14.66
C ILE B 29 17.61 35.93 -13.93
N GLU B 30 17.35 36.89 -13.05
CA GLU B 30 18.34 37.32 -12.07
C GLU B 30 17.95 36.73 -10.73
N PRO B 31 18.67 35.67 -10.30
CA PRO B 31 18.31 34.97 -9.07
C PRO B 31 18.80 35.69 -7.82
N VAL B 32 17.90 35.81 -6.84
CA VAL B 32 18.22 36.42 -5.56
C VAL B 32 17.90 35.39 -4.48
N PHE B 33 18.94 34.87 -3.84
CA PHE B 33 18.79 33.80 -2.87
C PHE B 33 18.54 34.33 -1.47
N PHE B 34 17.49 33.83 -0.84
CA PHE B 34 17.09 34.26 0.51
C PHE B 34 17.38 33.18 1.54
N SER B 35 17.47 33.60 2.80
CA SER B 35 17.87 32.71 3.88
C SER B 35 17.23 33.09 5.22
N THR B 36 17.09 32.10 6.09
CA THR B 36 16.64 32.33 7.46
C THR B 36 17.84 32.43 8.42
N SER B 37 18.79 31.51 8.28
CA SER B 37 19.87 31.36 9.25
C SER B 37 21.29 31.63 8.70
N GLN B 38 21.37 32.01 7.42
CA GLN B 38 22.67 32.24 6.78
C GLN B 38 22.74 33.59 6.06
N ILE B 39 22.04 34.59 6.59
CA ILE B 39 22.01 35.92 5.98
C ILE B 39 23.41 36.54 5.96
N GLY B 40 23.82 36.99 4.78
CA GLY B 40 25.13 37.64 4.60
C GLY B 40 26.20 36.74 4.00
N VAL B 41 26.03 35.43 4.18
CA VAL B 41 26.90 34.41 3.58
C VAL B 41 26.73 34.46 2.06
N PRO B 42 27.82 34.24 1.29
CA PRO B 42 27.73 34.16 -0.17
C PRO B 42 26.64 33.19 -0.65
N ALA B 43 25.86 33.64 -1.63
CA ALA B 43 24.80 32.84 -2.24
C ALA B 43 25.39 31.69 -3.04
N PRO B 44 24.61 30.60 -3.25
CA PRO B 44 25.14 29.48 -4.03
C PRO B 44 25.47 29.89 -5.46
N ASN B 45 26.50 29.27 -6.03
CA ASN B 45 26.88 29.52 -7.41
C ASN B 45 26.55 28.28 -8.25
N PHE B 46 25.45 28.38 -9.00
CA PHE B 46 24.99 27.29 -9.85
C PHE B 46 25.42 27.48 -11.31
N GLY B 47 26.31 28.45 -11.54
CA GLY B 47 26.77 28.78 -12.89
C GLY B 47 27.26 30.21 -12.98
N LYS B 48 26.52 31.12 -12.35
CA LYS B 48 26.91 32.53 -12.26
C LYS B 48 26.82 33.04 -10.82
N ASP B 49 27.57 34.09 -10.52
CA ASP B 49 27.57 34.72 -9.21
C ASP B 49 26.22 35.39 -8.93
N ALA B 50 25.64 35.09 -7.77
CA ALA B 50 24.34 35.62 -7.39
C ALA B 50 24.42 36.53 -6.17
N GLY B 51 25.64 36.95 -5.81
CA GLY B 51 25.85 37.85 -4.68
C GLY B 51 25.78 37.16 -3.33
N MET B 52 25.05 37.78 -2.41
CA MET B 52 24.97 37.31 -1.02
C MET B 52 23.55 36.87 -0.64
N LEU B 53 23.44 36.05 0.39
CA LEU B 53 22.14 35.59 0.88
C LEU B 53 21.39 36.70 1.60
N HIS B 54 20.17 36.98 1.13
CA HIS B 54 19.33 38.05 1.67
CA HIS B 54 19.35 38.04 1.70
C HIS B 54 18.39 37.54 2.74
N ASP B 55 17.79 38.46 3.50
CA ASP B 55 16.88 38.14 4.60
C ASP B 55 15.48 37.77 4.08
N ALA B 56 15.09 36.53 4.36
CA ALA B 56 13.81 35.98 3.89
C ALA B 56 12.57 36.58 4.56
N PHE B 57 12.77 37.28 5.68
CA PHE B 57 11.68 37.89 6.42
C PHE B 57 11.59 39.41 6.28
N ASP B 58 12.59 40.00 5.62
CA ASP B 58 12.59 41.45 5.37
C ASP B 58 11.69 41.76 4.18
N ILE B 59 10.56 42.41 4.46
CA ILE B 59 9.55 42.74 3.45
C ILE B 59 10.09 43.73 2.42
N GLU B 60 10.96 44.64 2.86
CA GLU B 60 11.54 45.67 2.00
C GLU B 60 12.47 45.10 0.93
N SER B 61 13.18 44.03 1.25
CA SER B 61 14.05 43.35 0.30
C SER B 61 13.24 42.52 -0.71
N LEU B 62 12.20 41.86 -0.21
CA LEU B 62 11.31 41.05 -1.04
C LEU B 62 10.51 41.92 -2.03
N LYS B 63 10.22 43.15 -1.63
CA LYS B 63 9.45 44.09 -2.44
C LYS B 63 10.17 44.52 -3.73
N GLN B 64 11.50 44.34 -3.75
CA GLN B 64 12.32 44.69 -4.91
CA GLN B 64 12.30 44.70 -4.92
C GLN B 64 12.31 43.59 -5.99
N LEU B 65 11.68 42.47 -5.68
CA LEU B 65 11.62 41.34 -6.60
C LEU B 65 10.40 41.40 -7.53
N ASP B 66 10.55 40.85 -8.72
CA ASP B 66 9.44 40.70 -9.66
C ASP B 66 8.68 39.40 -9.38
N ALA B 67 9.36 38.44 -8.76
CA ALA B 67 8.77 37.15 -8.45
C ALA B 67 9.45 36.48 -7.26
N VAL B 68 8.69 35.63 -6.56
CA VAL B 68 9.21 34.79 -5.48
C VAL B 68 8.82 33.34 -5.77
N ILE B 69 9.81 32.45 -5.75
CA ILE B 69 9.52 31.02 -5.71
C ILE B 69 9.92 30.50 -4.33
N THR B 70 8.92 30.02 -3.59
CA THR B 70 9.15 29.55 -2.23
C THR B 70 8.81 28.07 -2.02
N CYS B 71 9.80 27.33 -1.52
CA CYS B 71 9.63 25.94 -1.10
C CYS B 71 9.75 25.85 0.42
N GLN B 72 9.68 27.00 1.08
CA GLN B 72 9.92 27.11 2.53
C GLN B 72 8.85 26.44 3.39
N GLY B 73 7.59 26.53 2.97
CA GLY B 73 6.51 25.84 3.66
C GLY B 73 5.38 26.74 4.14
N GLY B 74 4.38 26.12 4.77
CA GLY B 74 3.15 26.80 5.17
C GLY B 74 3.29 27.93 6.16
N SER B 75 4.11 27.72 7.20
CA SER B 75 4.30 28.74 8.24
C SER B 75 4.99 30.00 7.71
N TYR B 76 5.92 29.82 6.76
CA TYR B 76 6.58 30.96 6.12
C TYR B 76 5.60 31.80 5.31
N THR B 77 4.78 31.13 4.49
CA THR B 77 3.79 31.82 3.67
C THR B 77 2.79 32.60 4.53
N GLU B 78 2.25 31.94 5.56
CA GLU B 78 1.32 32.57 6.51
C GLU B 78 1.82 33.89 7.09
N LYS B 79 3.13 33.94 7.37
CA LYS B 79 3.74 35.11 8.00
C LYS B 79 4.13 36.20 6.99
N VAL B 80 4.75 35.80 5.88
CA VAL B 80 5.32 36.75 4.92
C VAL B 80 4.32 37.25 3.88
N TYR B 81 3.56 36.34 3.27
CA TYR B 81 2.65 36.68 2.17
C TYR B 81 1.66 37.82 2.46
N PRO B 82 0.88 37.73 3.57
CA PRO B 82 -0.05 38.83 3.87
C PRO B 82 0.65 40.17 4.06
N ALA B 83 1.75 40.18 4.82
CA ALA B 83 2.52 41.40 5.05
C ALA B 83 3.09 41.97 3.75
N LEU B 84 3.58 41.09 2.87
CA LEU B 84 4.15 41.49 1.60
C LEU B 84 3.09 42.08 0.65
N ARG B 85 1.93 41.45 0.58
CA ARG B 85 0.82 41.95 -0.24
C ARG B 85 0.27 43.28 0.31
N GLN B 86 0.20 43.37 1.64
CA GLN B 86 -0.28 44.58 2.30
C GLN B 86 0.69 45.75 2.11
N ALA B 87 1.95 45.44 1.84
CA ALA B 87 2.98 46.45 1.57
C ALA B 87 2.90 47.02 0.15
N GLY B 88 2.02 46.43 -0.67
CA GLY B 88 1.77 46.93 -2.03
C GLY B 88 2.49 46.18 -3.14
N TRP B 89 3.04 45.02 -2.80
CA TRP B 89 3.80 44.21 -3.75
C TRP B 89 2.91 43.53 -4.76
N LYS B 90 3.20 43.74 -6.03
CA LYS B 90 2.38 43.24 -7.13
C LYS B 90 3.06 42.12 -7.92
N GLY B 91 4.13 41.57 -7.36
CA GLY B 91 4.90 40.53 -8.03
C GLY B 91 4.26 39.16 -7.97
N TYR B 92 4.87 38.20 -8.67
CA TYR B 92 4.35 36.84 -8.75
C TYR B 92 4.83 35.97 -7.59
N TRP B 93 3.87 35.42 -6.85
CA TRP B 93 4.15 34.52 -5.74
C TRP B 93 3.91 33.10 -6.17
N ILE B 94 5.00 32.37 -6.36
CA ILE B 94 4.95 30.97 -6.79
C ILE B 94 5.33 30.09 -5.59
N ASP B 95 4.40 29.22 -5.17
CA ASP B 95 4.47 28.58 -3.86
C ASP B 95 4.16 27.09 -3.92
N ALA B 96 4.97 26.30 -3.21
CA ALA B 96 4.74 24.87 -3.07
C ALA B 96 3.71 24.57 -1.97
N ALA B 97 3.61 25.46 -0.99
CA ALA B 97 2.80 25.22 0.22
C ALA B 97 1.29 25.17 -0.03
N SER B 98 0.59 24.49 0.88
CA SER B 98 -0.87 24.33 0.79
C SER B 98 -1.64 25.61 1.14
N THR B 99 -0.98 26.53 1.83
CA THR B 99 -1.61 27.72 2.44
C THR B 99 -2.62 28.44 1.55
N LEU B 100 -2.17 28.83 0.34
CA LEU B 100 -2.95 29.72 -0.51
C LEU B 100 -3.72 29.00 -1.61
N ARG B 101 -3.67 27.67 -1.59
CA ARG B 101 -4.24 26.84 -2.66
C ARG B 101 -5.71 27.14 -2.94
N MET B 102 -6.50 27.27 -1.87
CA MET B 102 -7.95 27.47 -1.99
C MET B 102 -8.40 28.94 -1.93
N ASP B 103 -7.44 29.86 -1.98
CA ASP B 103 -7.76 31.28 -1.99
CA ASP B 103 -7.72 31.30 -2.00
C ASP B 103 -8.26 31.71 -3.37
N LYS B 104 -9.30 32.54 -3.37
CA LYS B 104 -9.95 33.01 -4.60
C LYS B 104 -8.99 33.74 -5.56
N GLU B 105 -7.97 34.39 -5.00
CA GLU B 105 -7.01 35.16 -5.80
C GLU B 105 -5.90 34.29 -6.38
N ALA B 106 -5.85 33.03 -5.97
CA ALA B 106 -4.77 32.12 -6.38
C ALA B 106 -5.23 31.07 -7.37
N ILE B 107 -4.31 30.66 -8.25
CA ILE B 107 -4.54 29.56 -9.17
C ILE B 107 -3.62 28.40 -8.80
N ILE B 108 -4.20 27.20 -8.72
CA ILE B 108 -3.40 25.98 -8.55
C ILE B 108 -2.82 25.60 -9.90
N THR B 109 -1.49 25.50 -9.97
CA THR B 109 -0.79 25.33 -11.23
C THR B 109 -0.37 23.89 -11.53
N LEU B 110 -0.94 23.34 -12.60
CA LEU B 110 -0.50 22.06 -13.16
C LEU B 110 -0.72 22.14 -14.67
N ASP B 111 0.20 22.82 -15.34
CA ASP B 111 -0.04 23.29 -16.72
C ASP B 111 -0.32 22.23 -17.81
N PRO B 112 0.21 20.99 -17.67
CA PRO B 112 -0.23 19.99 -18.63
C PRO B 112 -1.74 19.71 -18.57
N VAL B 113 -2.35 20.08 -17.45
CA VAL B 113 -3.81 19.98 -17.31
C VAL B 113 -4.48 21.34 -17.52
N ASN B 114 -4.00 22.39 -16.83
CA ASN B 114 -4.70 23.67 -16.83
C ASN B 114 -3.95 24.89 -17.36
N LEU B 115 -3.09 24.68 -18.37
CA LEU B 115 -2.36 25.79 -19.02
C LEU B 115 -3.29 26.97 -19.34
N LYS B 116 -4.45 26.66 -19.93
CA LYS B 116 -5.41 27.67 -20.34
C LYS B 116 -5.90 28.53 -19.16
N GLN B 117 -6.17 27.87 -18.04
CA GLN B 117 -6.57 28.55 -16.81
C GLN B 117 -5.45 29.46 -16.29
N ILE B 118 -4.22 28.97 -16.35
CA ILE B 118 -3.05 29.74 -15.91
C ILE B 118 -2.82 30.97 -16.79
N LEU B 119 -2.86 30.78 -18.10
CA LEU B 119 -2.69 31.88 -19.05
C LEU B 119 -3.73 32.97 -18.86
N HIS B 120 -4.99 32.56 -18.70
CA HIS B 120 -6.09 33.51 -18.47
C HIS B 120 -5.87 34.29 -17.21
N GLY B 121 -5.41 33.61 -16.16
CA GLY B 121 -5.04 34.25 -14.91
C GLY B 121 -3.95 35.31 -15.08
N ILE B 122 -2.86 34.93 -15.76
CA ILE B 122 -1.75 35.85 -16.03
C ILE B 122 -2.22 37.11 -16.76
N HIS B 123 -3.05 36.92 -17.79
CA HIS B 123 -3.53 38.04 -18.60
C HIS B 123 -4.59 38.87 -17.91
N HIS B 124 -5.12 38.39 -16.79
CA HIS B 124 -6.20 39.09 -16.09
C HIS B 124 -5.88 39.47 -14.67
N GLY B 125 -4.59 39.56 -14.34
CA GLY B 125 -4.14 40.11 -13.06
C GLY B 125 -3.90 39.15 -11.91
N THR B 126 -3.90 37.84 -12.18
CA THR B 126 -3.57 36.86 -11.14
C THR B 126 -2.06 36.82 -10.91
N LYS B 127 -1.67 36.99 -9.65
CA LYS B 127 -0.25 37.07 -9.28
C LYS B 127 0.18 36.01 -8.27
N THR B 128 -0.73 35.09 -7.96
CA THR B 128 -0.43 34.02 -7.00
C THR B 128 -0.70 32.65 -7.63
N PHE B 129 0.35 31.85 -7.73
CA PHE B 129 0.28 30.54 -8.36
C PHE B 129 0.85 29.48 -7.43
N VAL B 130 0.05 28.45 -7.17
CA VAL B 130 0.37 27.50 -6.11
C VAL B 130 0.38 26.06 -6.65
N GLY B 131 1.46 25.33 -6.38
CA GLY B 131 1.51 23.91 -6.72
C GLY B 131 0.47 23.16 -5.89
N GLY B 132 -0.17 22.17 -6.51
CA GLY B 132 -1.16 21.35 -5.80
C GLY B 132 -0.53 20.28 -4.94
N ASN B 133 -1.35 19.61 -4.13
CA ASN B 133 -0.90 18.47 -3.34
C ASN B 133 -0.23 17.43 -4.23
N CYS B 134 0.85 16.83 -3.74
CA CYS B 134 1.63 15.86 -4.53
C CYS B 134 0.74 14.77 -5.14
N THR B 135 -0.17 14.20 -4.34
CA THR B 135 -1.05 13.13 -4.80
C THR B 135 -2.00 13.59 -5.90
N VAL B 136 -2.55 14.80 -5.75
CA VAL B 136 -3.46 15.40 -6.73
C VAL B 136 -2.78 15.62 -8.08
N SER B 137 -1.60 16.24 -8.03
CA SER B 137 -0.83 16.50 -9.25
C SER B 137 -0.48 15.21 -9.97
N LEU B 138 -0.02 14.21 -9.22
CA LEU B 138 0.39 12.94 -9.81
C LEU B 138 -0.79 12.16 -10.40
N MET B 139 -1.93 12.22 -9.72
CA MET B 139 -3.14 11.57 -10.20
C MET B 139 -3.62 12.19 -11.52
N LEU B 140 -3.60 13.52 -11.58
CA LEU B 140 -4.07 14.23 -12.76
C LEU B 140 -3.11 14.12 -13.94
N MET B 141 -1.81 14.01 -13.65
CA MET B 141 -0.82 13.73 -14.70
C MET B 141 -1.08 12.36 -15.33
N ALA B 142 -1.61 11.44 -14.54
CA ALA B 142 -1.94 10.10 -15.05
C ALA B 142 -3.28 10.08 -15.77
N LEU B 143 -4.29 10.73 -15.19
CA LEU B 143 -5.67 10.58 -15.65
C LEU B 143 -6.28 11.81 -16.31
N GLY B 144 -5.45 12.80 -16.63
CA GLY B 144 -5.91 14.04 -17.25
C GLY B 144 -6.76 13.85 -18.48
N GLY B 145 -6.42 12.84 -19.29
CA GLY B 145 -7.16 12.52 -20.51
C GLY B 145 -8.61 12.16 -20.27
N LEU B 146 -8.92 11.56 -19.12
CA LEU B 146 -10.30 11.22 -18.77
C LEU B 146 -11.02 12.39 -18.11
N TYR B 147 -10.35 13.04 -17.15
CA TYR B 147 -10.94 14.17 -16.43
C TYR B 147 -11.26 15.37 -17.31
N GLU B 148 -10.37 15.69 -18.26
CA GLU B 148 -10.58 16.85 -19.14
C GLU B 148 -11.73 16.64 -20.14
N ARG B 149 -12.07 15.38 -20.37
CA ARG B 149 -13.20 15.00 -21.22
C ARG B 149 -14.49 14.86 -20.42
N GLY B 150 -14.41 15.08 -19.11
CA GLY B 150 -15.57 15.03 -18.22
C GLY B 150 -16.19 13.64 -18.13
N LEU B 151 -15.35 12.61 -18.20
CA LEU B 151 -15.84 11.23 -18.26
C LEU B 151 -15.86 10.51 -16.91
N VAL B 152 -15.38 11.18 -15.87
CA VAL B 152 -15.32 10.58 -14.54
C VAL B 152 -16.54 10.97 -13.71
N GLU B 153 -17.31 9.96 -13.32
CA GLU B 153 -18.47 10.16 -12.45
C GLU B 153 -18.01 10.33 -10.99
N TRP B 154 -17.11 9.45 -10.58
CA TRP B 154 -16.44 9.56 -9.27
C TRP B 154 -15.22 8.71 -9.24
N MET B 155 -14.37 8.91 -8.25
CA MET B 155 -13.16 8.12 -8.13
C MET B 155 -12.80 7.86 -6.67
N SER B 156 -12.54 6.59 -6.36
CA SER B 156 -12.01 6.21 -5.06
CA SER B 156 -12.00 6.24 -5.05
C SER B 156 -10.52 5.94 -5.20
N ALA B 157 -9.71 6.59 -4.36
CA ALA B 157 -8.26 6.52 -4.46
C ALA B 157 -7.63 5.98 -3.17
N MET B 158 -6.99 4.82 -3.27
CA MET B 158 -6.24 4.25 -2.14
C MET B 158 -4.76 4.43 -2.42
N THR B 159 -4.07 5.20 -1.58
CA THR B 159 -2.71 5.63 -1.91
C THR B 159 -1.64 4.86 -1.15
N TYR B 160 -0.43 4.90 -1.70
CA TYR B 160 0.74 4.24 -1.14
C TYR B 160 1.79 5.33 -1.18
N GLN B 161 1.84 6.15 -0.14
CA GLN B 161 2.63 7.39 -0.18
C GLN B 161 4.03 7.26 0.41
N ALA B 162 5.00 7.80 -0.30
CA ALA B 162 6.42 7.67 0.04
C ALA B 162 6.81 8.51 1.25
N ALA B 163 7.88 8.09 1.91
CA ALA B 163 8.41 8.78 3.09
C ALA B 163 8.82 10.23 2.80
N SER B 164 9.35 10.49 1.61
CA SER B 164 9.77 11.83 1.20
C SER B 164 8.66 12.86 1.35
N GLY B 165 7.41 12.42 1.20
CA GLY B 165 6.25 13.28 1.33
C GLY B 165 6.12 13.92 2.71
N ALA B 166 6.65 13.24 3.72
CA ALA B 166 6.61 13.74 5.09
C ALA B 166 7.82 14.61 5.42
N GLY B 167 8.86 14.54 4.57
CA GLY B 167 10.06 15.35 4.76
C GLY B 167 11.35 14.57 4.63
N ALA B 168 12.46 15.31 4.52
CA ALA B 168 13.78 14.71 4.31
C ALA B 168 14.21 13.84 5.49
N GLN B 169 13.97 14.33 6.70
CA GLN B 169 14.28 13.55 7.91
C GLN B 169 13.45 12.27 7.99
N ASN B 170 12.23 12.32 7.48
CA ASN B 170 11.37 11.14 7.43
C ASN B 170 11.90 10.08 6.46
N MET B 171 12.41 10.52 5.31
CA MET B 171 13.03 9.59 4.37
C MET B 171 14.28 8.96 4.98
N ARG B 172 15.10 9.77 5.66
CA ARG B 172 16.29 9.26 6.35
C ARG B 172 15.86 8.23 7.40
N GLU B 173 14.81 8.56 8.14
CA GLU B 173 14.30 7.67 9.20
C GLU B 173 13.86 6.32 8.65
N LEU B 174 13.19 6.33 7.49
CA LEU B 174 12.81 5.09 6.83
C LEU B 174 14.02 4.20 6.57
N ILE B 175 15.07 4.77 5.98
CA ILE B 175 16.30 4.03 5.70
C ILE B 175 16.96 3.55 7.00
N SER B 176 16.96 4.41 8.01
CA SER B 176 17.49 4.05 9.33
CA SER B 176 17.49 4.05 9.33
C SER B 176 16.78 2.82 9.89
N GLN B 177 15.44 2.84 9.85
CA GLN B 177 14.62 1.74 10.34
C GLN B 177 14.91 0.44 9.59
N MET B 178 15.12 0.54 8.28
CA MET B 178 15.50 -0.62 7.47
C MET B 178 16.80 -1.25 7.96
N GLY B 179 17.78 -0.40 8.28
CA GLY B 179 19.06 -0.85 8.80
C GLY B 179 18.93 -1.56 10.14
N VAL B 180 18.12 -0.98 11.03
CA VAL B 180 17.89 -1.54 12.37
C VAL B 180 17.22 -2.91 12.28
N ILE B 181 16.23 -3.02 11.38
CA ILE B 181 15.57 -4.31 11.14
C ILE B 181 16.59 -5.37 10.70
N ASN B 182 17.35 -5.07 9.66
CA ASN B 182 18.35 -6.01 9.17
C ASN B 182 19.41 -6.37 10.23
N ASP B 183 19.90 -5.36 10.96
CA ASP B 183 20.91 -5.57 12.02
C ASP B 183 20.49 -6.62 13.03
N ALA B 184 19.20 -6.65 13.34
CA ALA B 184 18.66 -7.51 14.39
C ALA B 184 18.73 -8.99 14.03
N VAL B 185 18.73 -9.29 12.74
CA VAL B 185 18.68 -10.67 12.25
C VAL B 185 19.75 -11.01 11.21
N SER B 186 20.76 -10.16 11.07
CA SER B 186 21.76 -10.33 10.02
C SER B 186 22.54 -11.64 10.14
N SER B 187 22.85 -12.04 11.37
CA SER B 187 23.49 -13.34 11.64
C SER B 187 22.62 -14.51 11.18
N GLU B 188 21.33 -14.44 11.52
CA GLU B 188 20.37 -15.49 11.19
C GLU B 188 20.13 -15.60 9.68
N LEU B 189 20.09 -14.45 9.00
CA LEU B 189 19.93 -14.42 7.55
C LEU B 189 21.11 -15.07 6.81
N ALA B 190 22.31 -14.90 7.37
CA ALA B 190 23.53 -15.49 6.80
C ALA B 190 23.59 -17.01 6.97
N ASN B 191 22.79 -17.54 7.89
CA ASN B 191 22.65 -18.98 8.11
C ASN B 191 21.44 -19.52 7.35
N PRO B 192 21.68 -20.36 6.31
CA PRO B 192 20.60 -20.92 5.50
C PRO B 192 19.58 -21.73 6.29
N ALA B 193 20.01 -22.33 7.40
CA ALA B 193 19.19 -23.24 8.20
C ALA B 193 18.44 -22.61 9.38
N SER B 194 18.51 -21.29 9.52
CA SER B 194 17.82 -20.58 10.60
C SER B 194 16.29 -20.62 10.44
N SER B 195 15.56 -20.57 11.55
CA SER B 195 14.10 -20.59 11.56
C SER B 195 13.52 -19.24 11.16
N ILE B 196 12.62 -19.25 10.17
CA ILE B 196 11.94 -18.02 9.75
C ILE B 196 11.09 -17.41 10.86
N LEU B 197 10.51 -18.25 11.72
CA LEU B 197 9.69 -17.75 12.83
C LEU B 197 10.54 -17.06 13.90
N ASP B 198 11.75 -17.56 14.11
CA ASP B 198 12.73 -16.93 15.01
C ASP B 198 13.15 -15.55 14.46
N ILE B 199 13.41 -15.50 13.16
CA ILE B 199 13.74 -14.24 12.48
C ILE B 199 12.58 -13.25 12.59
N ASP B 200 11.37 -13.74 12.30
CA ASP B 200 10.17 -12.93 12.39
C ASP B 200 9.94 -12.36 13.78
N LYS B 201 10.10 -13.20 14.81
CA LYS B 201 9.95 -12.79 16.20
C LYS B 201 10.89 -11.63 16.55
N LYS B 202 12.16 -11.76 16.14
CA LYS B 202 13.18 -10.74 16.42
C LYS B 202 12.91 -9.43 15.68
N VAL B 203 12.44 -9.53 14.44
CA VAL B 203 12.10 -8.33 13.65
C VAL B 203 10.95 -7.57 14.31
N ALA B 204 9.92 -8.31 14.75
CA ALA B 204 8.75 -7.69 15.40
C ALA B 204 9.14 -7.01 16.73
N GLU B 205 9.94 -7.69 17.54
CA GLU B 205 10.45 -7.13 18.79
C GLU B 205 11.29 -5.88 18.56
N THR B 206 12.13 -5.93 17.53
CA THR B 206 12.98 -4.79 17.18
C THR B 206 12.13 -3.57 16.80
N MET B 207 11.14 -3.80 15.94
CA MET B 207 10.23 -2.73 15.49
C MET B 207 9.44 -2.10 16.64
N ARG B 208 9.12 -2.90 17.64
CA ARG B 208 8.32 -2.46 18.78
C ARG B 208 9.15 -1.87 19.93
N SER B 209 10.47 -1.97 19.82
CA SER B 209 11.37 -1.54 20.88
CA SER B 209 11.38 -1.55 20.87
C SER B 209 11.54 -0.02 20.97
N GLY B 210 11.85 0.47 22.16
CA GLY B 210 12.10 1.90 22.36
C GLY B 210 13.32 2.37 21.59
N SER B 211 14.20 1.44 21.26
CA SER B 211 15.42 1.76 20.51
C SER B 211 15.17 1.97 19.02
N PHE B 212 14.03 1.50 18.52
CA PHE B 212 13.67 1.67 17.12
C PHE B 212 13.50 3.15 16.80
N PRO B 213 14.17 3.64 15.74
CA PRO B 213 14.16 5.09 15.50
C PRO B 213 12.85 5.57 14.88
N THR B 214 11.97 6.10 15.72
CA THR B 214 10.64 6.54 15.28
C THR B 214 10.35 8.00 15.63
N ASP B 215 11.39 8.79 15.85
CA ASP B 215 11.23 10.21 16.22
C ASP B 215 10.31 10.99 15.29
N ASN B 216 10.49 10.82 13.98
CA ASN B 216 9.72 11.58 12.99
C ASN B 216 8.34 11.03 12.69
N PHE B 217 8.24 9.71 12.48
CA PHE B 217 6.94 9.09 12.17
C PHE B 217 6.09 8.83 13.40
N GLY B 218 6.73 8.61 14.55
CA GLY B 218 6.04 8.31 15.80
C GLY B 218 5.82 6.82 16.01
N VAL B 219 5.76 6.08 14.90
CA VAL B 219 5.59 4.62 14.88
C VAL B 219 6.48 4.07 13.77
N PRO B 220 6.68 2.73 13.71
CA PRO B 220 7.47 2.15 12.62
C PRO B 220 6.87 2.44 11.25
N LEU B 221 7.72 2.63 10.25
CA LEU B 221 7.27 2.65 8.86
C LEU B 221 7.85 1.46 8.09
N ALA B 222 9.16 1.28 8.17
CA ALA B 222 9.80 0.08 7.61
C ALA B 222 9.14 -1.14 8.23
N GLY B 223 8.71 -2.07 7.37
CA GLY B 223 8.04 -3.29 7.82
C GLY B 223 6.57 -3.08 8.16
N SER B 224 6.08 -1.86 7.98
CA SER B 224 4.72 -1.53 8.37
C SER B 224 4.09 -0.51 7.40
N LEU B 225 3.05 0.18 7.86
CA LEU B 225 2.44 1.26 7.11
C LEU B 225 1.63 2.10 8.08
N ILE B 226 1.18 3.27 7.64
CA ILE B 226 0.42 4.17 8.52
C ILE B 226 -0.78 4.72 7.74
N PRO B 227 -1.99 4.21 8.04
CA PRO B 227 -3.17 4.60 7.25
C PRO B 227 -3.80 5.92 7.74
N TRP B 228 -2.95 6.91 7.98
CA TRP B 228 -3.40 8.27 8.31
C TRP B 228 -2.33 9.26 7.97
N ILE B 229 -2.66 10.23 7.11
CA ILE B 229 -1.75 11.32 6.75
C ILE B 229 -2.43 12.67 7.01
N ASP B 230 -1.75 13.54 7.78
CA ASP B 230 -2.22 14.90 8.10
C ASP B 230 -3.38 14.92 9.10
N VAL B 231 -3.85 16.11 9.46
CA VAL B 231 -4.82 16.29 10.56
C VAL B 231 -6.21 15.74 10.24
N LYS B 232 -6.94 15.37 11.29
CA LYS B 232 -8.33 14.91 11.16
C LYS B 232 -9.28 16.07 10.84
N ARG B 233 -10.25 15.79 9.97
CA ARG B 233 -11.35 16.72 9.70
C ARG B 233 -12.66 16.16 10.28
N ASP B 234 -13.65 17.03 10.43
CA ASP B 234 -14.89 16.66 11.13
C ASP B 234 -15.67 15.49 10.53
N ASN B 235 -15.60 15.32 9.21
CA ASN B 235 -16.35 14.26 8.55
C ASN B 235 -15.64 12.90 8.57
N GLY B 236 -14.49 12.84 9.22
CA GLY B 236 -13.75 11.59 9.35
C GLY B 236 -12.62 11.41 8.35
N GLN B 237 -12.55 12.28 7.35
CA GLN B 237 -11.43 12.32 6.44
C GLN B 237 -10.20 12.88 7.16
N SER B 238 -9.02 12.48 6.70
CA SER B 238 -7.80 13.21 7.02
C SER B 238 -7.72 14.38 6.03
N LYS B 239 -6.92 15.39 6.35
CA LYS B 239 -6.71 16.52 5.43
C LYS B 239 -6.19 16.05 4.07
N GLU B 240 -5.27 15.08 4.08
CA GLU B 240 -4.71 14.54 2.84
C GLU B 240 -5.79 13.99 1.90
N GLU B 241 -6.76 13.28 2.49
CA GLU B 241 -7.84 12.66 1.71
C GLU B 241 -8.82 13.71 1.17
N TRP B 242 -8.96 14.79 1.90
CA TRP B 242 -9.86 15.89 1.54
C TRP B 242 -9.29 16.78 0.46
N LYS B 243 -7.97 16.91 0.42
CA LYS B 243 -7.29 17.75 -0.59
C LYS B 243 -7.63 17.40 -2.03
N ALA B 244 -7.71 16.11 -2.34
CA ALA B 244 -7.95 15.65 -3.72
C ALA B 244 -9.21 16.26 -4.32
N GLY B 245 -10.31 16.19 -3.57
CA GLY B 245 -11.60 16.69 -4.04
C GLY B 245 -11.68 18.19 -4.25
N VAL B 246 -11.11 18.96 -3.33
CA VAL B 246 -11.14 20.41 -3.46
C VAL B 246 -10.14 20.94 -4.49
N GLU B 247 -8.95 20.37 -4.50
CA GLU B 247 -7.87 20.83 -5.38
C GLU B 247 -8.07 20.42 -6.83
N ALA B 248 -8.40 19.14 -7.06
CA ALA B 248 -8.58 18.64 -8.42
C ALA B 248 -9.71 19.38 -9.13
N ASN B 249 -10.82 19.56 -8.43
CA ASN B 249 -11.95 20.30 -8.99
C ASN B 249 -11.69 21.79 -9.22
N LYS B 250 -10.79 22.37 -8.42
CA LYS B 250 -10.35 23.74 -8.69
C LYS B 250 -9.47 23.80 -9.94
N ILE B 251 -8.50 22.87 -10.03
CA ILE B 251 -7.62 22.78 -11.19
C ILE B 251 -8.43 22.63 -12.48
N LEU B 252 -9.44 21.76 -12.44
CA LEU B 252 -10.26 21.43 -13.60
C LEU B 252 -11.38 22.45 -13.85
N GLY B 253 -11.54 23.41 -12.94
CA GLY B 253 -12.60 24.42 -13.05
C GLY B 253 -14.00 23.86 -12.93
N LEU B 254 -14.15 22.88 -12.04
CA LEU B 254 -15.41 22.14 -11.88
C LEU B 254 -16.08 22.39 -10.52
N GLN B 255 -15.86 23.58 -9.95
CA GLN B 255 -16.44 23.93 -8.65
C GLN B 255 -17.98 23.88 -8.62
N ASP B 256 -18.61 24.19 -9.75
CA ASP B 256 -20.07 24.22 -9.83
C ASP B 256 -20.69 22.82 -9.94
N SER B 257 -19.91 21.84 -10.39
CA SER B 257 -20.35 20.45 -10.43
C SER B 257 -19.16 19.51 -10.20
N PRO B 258 -18.69 19.44 -8.94
CA PRO B 258 -17.45 18.72 -8.65
C PRO B 258 -17.54 17.20 -8.81
N VAL B 259 -16.43 16.60 -9.24
CA VAL B 259 -16.31 15.15 -9.23
C VAL B 259 -16.02 14.69 -7.81
N PRO B 260 -16.85 13.78 -7.26
CA PRO B 260 -16.54 13.22 -5.95
C PRO B 260 -15.26 12.38 -6.01
N ILE B 261 -14.28 12.74 -5.19
CA ILE B 261 -13.03 11.98 -5.05
C ILE B 261 -12.81 11.73 -3.56
N ASP B 262 -12.56 10.47 -3.20
CA ASP B 262 -12.37 10.11 -1.80
C ASP B 262 -11.58 8.81 -1.71
N GLY B 263 -11.11 8.48 -0.52
CA GLY B 263 -10.35 7.26 -0.31
C GLY B 263 -9.52 7.36 0.95
N THR B 264 -8.60 6.43 1.11
CA THR B 264 -7.71 6.40 2.27
C THR B 264 -6.27 6.63 1.81
N CYS B 265 -5.62 7.62 2.42
CA CYS B 265 -4.22 7.91 2.13
C CYS B 265 -3.32 7.21 3.14
N VAL B 266 -2.42 6.38 2.64
CA VAL B 266 -1.59 5.52 3.49
C VAL B 266 -0.10 5.79 3.23
N ARG B 267 0.66 5.98 4.30
CA ARG B 267 2.11 6.10 4.22
C ARG B 267 2.72 4.70 4.20
N ILE B 268 3.57 4.44 3.21
CA ILE B 268 4.28 3.16 3.13
C ILE B 268 5.79 3.39 3.04
N GLY B 269 6.55 2.30 3.11
CA GLY B 269 8.01 2.37 3.11
C GLY B 269 8.65 2.54 1.76
N ALA B 270 8.11 3.43 0.93
CA ALA B 270 8.72 3.80 -0.35
C ALA B 270 9.52 5.07 -0.17
N MET B 271 10.54 5.24 -0.99
CA MET B 271 11.49 6.35 -0.83
C MET B 271 10.93 7.72 -1.21
N ARG B 272 10.58 7.90 -2.49
CA ARG B 272 10.17 9.23 -2.97
C ARG B 272 9.16 9.22 -4.14
N CYS B 273 8.48 8.09 -4.33
CA CYS B 273 7.40 8.00 -5.31
C CYS B 273 6.11 7.62 -4.63
N HIS B 274 5.03 8.32 -5.01
CA HIS B 274 3.69 7.96 -4.57
C HIS B 274 3.05 7.05 -5.57
N SER B 275 2.34 6.05 -5.07
CA SER B 275 1.56 5.18 -5.94
C SER B 275 0.10 5.26 -5.52
N GLN B 276 -0.80 5.08 -6.49
CA GLN B 276 -2.23 5.21 -6.24
C GLN B 276 -3.02 4.11 -6.95
N ALA B 277 -3.90 3.46 -6.21
CA ALA B 277 -4.78 2.41 -6.74
C ALA B 277 -6.19 2.98 -6.83
N LEU B 278 -6.68 3.10 -8.07
CA LEU B 278 -7.87 3.90 -8.32
C LEU B 278 -9.03 3.05 -8.83
N THR B 279 -10.20 3.30 -8.25
CA THR B 279 -11.45 2.77 -8.78
C THR B 279 -12.14 3.94 -9.44
N ILE B 280 -12.15 3.94 -10.77
CA ILE B 280 -12.67 5.07 -11.55
C ILE B 280 -14.02 4.70 -12.16
N LYS B 281 -15.07 5.37 -11.70
CA LYS B 281 -16.39 5.17 -12.25
C LYS B 281 -16.56 6.10 -13.45
N LEU B 282 -16.79 5.49 -14.61
CA LEU B 282 -16.95 6.25 -15.85
C LEU B 282 -18.42 6.54 -16.12
N LYS B 283 -18.68 7.65 -16.79
CA LYS B 283 -20.04 8.04 -17.15
C LYS B 283 -20.56 7.25 -18.35
N GLN B 284 -19.66 6.57 -19.03
CA GLN B 284 -20.00 5.77 -20.21
C GLN B 284 -19.11 4.53 -20.27
N ASN B 285 -19.59 3.47 -20.93
CA ASN B 285 -18.78 2.30 -21.22
C ASN B 285 -17.89 2.56 -22.45
N ILE B 286 -16.75 3.20 -22.21
CA ILE B 286 -15.79 3.50 -23.28
C ILE B 286 -14.93 2.26 -23.52
N PRO B 287 -14.75 1.86 -24.81
CA PRO B 287 -13.84 0.74 -25.12
C PRO B 287 -12.46 0.94 -24.50
N LEU B 288 -11.88 -0.13 -23.96
CA LEU B 288 -10.61 -0.06 -23.24
C LEU B 288 -9.46 0.54 -24.07
N ASP B 289 -9.38 0.15 -25.34
CA ASP B 289 -8.37 0.72 -26.26
C ASP B 289 -8.47 2.24 -26.35
N GLU B 290 -9.69 2.75 -26.42
CA GLU B 290 -9.90 4.19 -26.50
C GLU B 290 -9.53 4.89 -25.19
N ILE B 291 -9.83 4.26 -24.06
CA ILE B 291 -9.42 4.77 -22.75
C ILE B 291 -7.91 4.92 -22.69
N GLU B 292 -7.18 3.90 -23.14
CA GLU B 292 -5.72 3.93 -23.16
C GLU B 292 -5.21 5.06 -24.04
N GLU B 293 -5.84 5.25 -25.20
CA GLU B 293 -5.49 6.34 -26.10
C GLU B 293 -5.77 7.72 -25.48
N MET B 294 -6.92 7.88 -24.85
CA MET B 294 -7.27 9.12 -24.15
C MET B 294 -6.24 9.45 -23.07
N ILE B 295 -5.83 8.43 -22.32
CA ILE B 295 -4.83 8.60 -21.27
C ILE B 295 -3.46 8.96 -21.87
N ALA B 296 -2.99 8.15 -22.82
CA ALA B 296 -1.66 8.32 -23.42
C ALA B 296 -1.44 9.66 -24.14
N THR B 297 -2.48 10.16 -24.81
CA THR B 297 -2.34 11.38 -25.62
C THR B 297 -2.46 12.69 -24.82
N HIS B 298 -2.74 12.59 -23.52
CA HIS B 298 -2.97 13.80 -22.71
C HIS B 298 -1.75 14.66 -22.53
N ASN B 299 -0.60 14.05 -22.24
CA ASN B 299 0.63 14.80 -21.99
C ASN B 299 1.87 13.97 -22.32
N ASP B 300 3.02 14.63 -22.34
CA ASP B 300 4.28 13.99 -22.77
C ASP B 300 4.88 13.01 -21.77
N TRP B 301 4.36 12.99 -20.54
CA TRP B 301 5.01 12.27 -19.43
C TRP B 301 4.30 11.05 -18.95
N VAL B 302 2.97 11.06 -19.06
CA VAL B 302 2.17 9.86 -18.77
C VAL B 302 2.60 8.69 -19.66
N LYS B 303 2.58 7.48 -19.11
CA LYS B 303 3.00 6.30 -19.85
C LYS B 303 2.02 5.16 -19.56
N VAL B 304 1.32 4.70 -20.60
CA VAL B 304 0.43 3.55 -20.44
C VAL B 304 1.27 2.26 -20.42
N ILE B 305 1.26 1.58 -19.29
CA ILE B 305 1.99 0.33 -19.15
C ILE B 305 1.05 -0.84 -19.47
N PRO B 306 1.42 -1.67 -20.47
CA PRO B 306 0.58 -2.80 -20.86
C PRO B 306 0.28 -3.70 -19.67
N ASN B 307 -0.94 -4.22 -19.65
CA ASN B 307 -1.42 -5.02 -18.54
C ASN B 307 -0.89 -6.45 -18.61
N GLU B 308 0.42 -6.58 -18.47
CA GLU B 308 1.08 -7.88 -18.46
C GLU B 308 1.97 -7.96 -17.24
N ARG B 309 2.14 -9.17 -16.72
CA ARG B 309 2.79 -9.37 -15.42
C ARG B 309 4.22 -8.84 -15.35
N ASP B 310 5.09 -9.34 -16.23
CA ASP B 310 6.51 -9.01 -16.18
C ASP B 310 6.77 -7.52 -16.41
N ILE B 311 6.12 -6.95 -17.43
CA ILE B 311 6.29 -5.54 -17.74
CA ILE B 311 6.27 -5.53 -17.76
C ILE B 311 5.79 -4.65 -16.59
N THR B 312 4.68 -5.03 -15.97
CA THR B 312 4.13 -4.30 -14.80
C THR B 312 5.12 -4.28 -13.63
N ALA B 313 5.67 -5.44 -13.29
CA ALA B 313 6.64 -5.54 -12.20
C ALA B 313 7.90 -4.71 -12.46
N ARG B 314 8.30 -4.62 -13.73
CA ARG B 314 9.50 -3.89 -14.12
CA ARG B 314 9.50 -3.90 -14.14
C ARG B 314 9.30 -2.38 -14.23
N GLU B 315 8.11 -1.96 -14.63
CA GLU B 315 7.87 -0.54 -14.96
C GLU B 315 6.99 0.26 -14.00
N LEU B 316 6.02 -0.41 -13.38
CA LEU B 316 5.00 0.30 -12.59
C LEU B 316 5.32 0.28 -11.10
N THR B 317 6.50 0.79 -10.75
CA THR B 317 6.98 0.75 -9.37
C THR B 317 7.79 2.00 -9.02
N PRO B 318 7.87 2.34 -7.72
CA PRO B 318 8.76 3.40 -7.28
C PRO B 318 10.22 3.18 -7.70
N ALA B 319 10.70 1.94 -7.63
CA ALA B 319 12.09 1.65 -7.99
C ALA B 319 12.42 2.06 -9.42
N LYS B 320 11.44 1.90 -10.32
CA LYS B 320 11.59 2.31 -11.72
C LYS B 320 11.47 3.82 -11.89
N VAL B 321 10.47 4.41 -11.24
CA VAL B 321 10.05 5.79 -11.50
C VAL B 321 10.93 6.82 -10.79
N THR B 322 11.52 6.45 -9.66
CA THR B 322 12.24 7.40 -8.80
C THR B 322 13.21 8.30 -9.56
N GLY B 323 13.11 9.60 -9.32
CA GLY B 323 14.00 10.59 -9.91
C GLY B 323 13.77 10.89 -11.38
N THR B 324 12.67 10.37 -11.93
CA THR B 324 12.32 10.65 -13.33
C THR B 324 11.00 11.41 -13.41
N LEU B 325 10.77 12.04 -14.56
CA LEU B 325 9.54 12.80 -14.80
C LEU B 325 8.40 11.95 -15.38
N SER B 326 8.63 10.64 -15.49
N SER B 326 8.63 10.65 -15.51
CA SER B 326 7.65 9.71 -16.06
CA SER B 326 7.65 9.72 -16.07
C SER B 326 6.50 9.43 -15.09
C SER B 326 6.51 9.43 -15.10
N VAL B 327 5.29 9.36 -15.63
CA VAL B 327 4.11 9.04 -14.82
C VAL B 327 3.41 7.81 -15.41
N PRO B 328 3.93 6.60 -15.12
CA PRO B 328 3.29 5.41 -15.62
C PRO B 328 1.93 5.12 -14.96
N VAL B 329 0.98 4.67 -15.79
CA VAL B 329 -0.30 4.17 -15.30
C VAL B 329 -0.55 2.83 -15.98
N GLY B 330 -0.93 1.83 -15.17
CA GLY B 330 -1.12 0.48 -15.67
C GLY B 330 -2.24 -0.23 -14.95
N ARG B 331 -2.27 -1.56 -15.10
CA ARG B 331 -3.39 -2.39 -14.65
C ARG B 331 -4.73 -1.83 -15.12
N LEU B 332 -4.71 -1.20 -16.31
CA LEU B 332 -5.93 -0.61 -16.87
C LEU B 332 -6.84 -1.70 -17.42
N ARG B 333 -8.01 -1.84 -16.78
CA ARG B 333 -8.96 -2.89 -17.14
C ARG B 333 -10.31 -2.55 -16.54
N LYS B 334 -11.36 -3.09 -17.14
CA LYS B 334 -12.70 -2.97 -16.56
C LYS B 334 -12.80 -3.93 -15.39
N MET B 335 -13.58 -3.56 -14.39
CA MET B 335 -13.64 -4.31 -13.15
C MET B 335 -14.88 -5.19 -13.07
N ALA B 336 -14.89 -6.10 -12.10
CA ALA B 336 -16.01 -7.03 -11.92
C ALA B 336 -17.35 -6.33 -11.77
N MET B 337 -17.36 -5.14 -11.16
CA MET B 337 -18.59 -4.38 -10.95
C MET B 337 -19.30 -3.99 -12.24
N GLY B 338 -18.53 -3.85 -13.32
CA GLY B 338 -19.10 -3.48 -14.61
C GLY B 338 -18.13 -2.80 -15.54
N ASP B 339 -18.53 -2.66 -16.79
CA ASP B 339 -17.66 -2.09 -17.82
C ASP B 339 -17.60 -0.56 -17.76
N ASP B 340 -18.30 0.04 -16.80
CA ASP B 340 -18.14 1.46 -16.48
C ASP B 340 -17.33 1.67 -15.20
N PHE B 341 -16.68 0.60 -14.74
CA PHE B 341 -15.73 0.67 -13.63
C PHE B 341 -14.33 0.39 -14.16
N LEU B 342 -13.44 1.37 -14.06
CA LEU B 342 -12.08 1.22 -14.53
C LEU B 342 -11.08 1.16 -13.38
N ASN B 343 -10.31 0.07 -13.32
CA ASN B 343 -9.17 -0.03 -12.41
C ASN B 343 -7.97 0.68 -13.02
N ALA B 344 -7.23 1.42 -12.19
CA ALA B 344 -5.96 2.01 -12.61
C ALA B 344 -4.98 2.02 -11.45
N PHE B 345 -3.72 1.71 -11.74
CA PHE B 345 -2.65 1.84 -10.76
C PHE B 345 -1.56 2.73 -11.36
N THR B 346 -1.22 3.78 -10.63
CA THR B 346 -0.26 4.76 -11.15
C THR B 346 0.85 5.05 -10.14
N VAL B 347 2.04 5.39 -10.65
CA VAL B 347 3.19 5.74 -9.83
C VAL B 347 3.79 7.04 -10.35
N GLY B 348 4.16 7.94 -9.45
CA GLY B 348 4.81 9.18 -9.83
C GLY B 348 5.80 9.66 -8.79
N ASP B 349 6.85 10.35 -9.24
CA ASP B 349 7.83 10.91 -8.31
C ASP B 349 7.24 12.09 -7.54
N GLN B 350 7.30 12.00 -6.21
CA GLN B 350 6.71 13.00 -5.31
C GLN B 350 7.39 14.36 -5.40
N LEU B 351 8.70 14.37 -5.65
CA LEU B 351 9.47 15.61 -5.62
C LEU B 351 9.47 16.36 -6.94
N LEU B 352 9.18 15.68 -8.04
CA LEU B 352 9.18 16.32 -9.36
C LEU B 352 7.80 16.87 -9.72
N TRP B 353 6.95 16.10 -10.41
CA TRP B 353 5.59 16.58 -10.70
C TRP B 353 4.80 16.88 -9.45
N GLY B 354 5.13 16.19 -8.37
CA GLY B 354 4.42 16.37 -7.10
C GLY B 354 4.84 17.58 -6.28
N ALA B 355 5.90 18.27 -6.72
CA ALA B 355 6.43 19.41 -5.97
C ALA B 355 7.18 20.46 -6.80
N ALA B 356 8.41 20.15 -7.20
CA ALA B 356 9.30 21.15 -7.82
C ALA B 356 8.93 21.53 -9.25
N GLU B 357 8.48 20.56 -10.04
CA GLU B 357 8.31 20.78 -11.48
C GLU B 357 7.23 21.81 -11.84
N PRO B 358 6.06 21.77 -11.18
CA PRO B 358 5.07 22.81 -11.51
C PRO B 358 5.55 24.23 -11.20
N LEU B 359 6.45 24.36 -10.23
CA LEU B 359 6.98 25.68 -9.84
C LEU B 359 7.89 26.28 -10.91
N ARG B 360 8.87 25.51 -11.39
CA ARG B 360 9.76 26.01 -12.44
C ARG B 360 8.99 26.21 -13.76
N ARG B 361 8.04 25.33 -14.05
CA ARG B 361 7.23 25.46 -15.27
C ARG B 361 6.36 26.71 -15.25
N THR B 362 5.80 27.04 -14.08
CA THR B 362 5.01 28.26 -13.91
C THR B 362 5.88 29.50 -14.14
N LEU B 363 7.09 29.48 -13.59
CA LEU B 363 8.06 30.55 -13.81
C LEU B 363 8.31 30.76 -15.31
N ARG B 364 8.52 29.66 -16.04
CA ARG B 364 8.77 29.72 -17.48
C ARG B 364 7.57 30.25 -18.27
N ILE B 365 6.36 29.89 -17.83
CA ILE B 365 5.13 30.37 -18.47
C ILE B 365 4.96 31.87 -18.27
N ILE B 366 5.19 32.35 -17.05
CA ILE B 366 5.14 33.78 -16.73
C ILE B 366 6.17 34.58 -17.53
N LEU B 367 7.39 34.03 -17.64
CA LEU B 367 8.47 34.66 -18.41
C LEU B 367 8.11 34.80 -19.89
N ALA B 368 7.51 33.77 -20.45
CA ALA B 368 7.16 33.75 -21.88
C ALA B 368 5.96 34.62 -22.22
N GLU B 369 5.15 34.96 -21.22
CA GLU B 369 3.96 35.79 -21.42
C GLU B 369 4.23 37.26 -21.07
N CYS C . -2.24 -16.64 -2.15
CA CYS C . -2.35 -17.68 -1.12
C CYS C . -3.27 -18.80 -1.57
O CYS C . -4.15 -18.52 -2.41
CB CYS C . -2.99 -17.10 0.14
SG CYS C . -1.79 -16.30 1.26
OXT CYS C . -3.09 -19.92 -1.03
S SO4 D . 9.71 -32.63 5.86
O1 SO4 D . 9.47 -31.37 6.59
O2 SO4 D . 8.47 -33.06 5.16
O3 SO4 D . 10.76 -32.41 4.84
O4 SO4 D . 10.13 -33.66 6.83
C ACT E . -4.89 15.85 14.49
O ACT E . -5.71 15.06 13.98
OXT ACT E . -3.66 15.74 14.31
CH3 ACT E . -5.40 16.98 15.33
S SO4 F . 18.05 28.23 5.72
O1 SO4 F . 18.50 27.40 6.86
O2 SO4 F . 16.57 28.23 5.68
O3 SO4 F . 18.54 29.61 5.90
O4 SO4 F . 18.60 27.68 4.47
N CYS G . 1.11 17.31 1.45
CA CYS G . 1.89 18.26 0.64
C CYS G . 1.22 19.63 0.61
O CYS G . 0.09 19.74 1.13
CB CYS G . 2.06 17.71 -0.78
SG CYS G . 3.26 16.34 -0.93
OXT CYS G . 1.86 20.55 0.06
C1 EDO H . 14.36 14.29 -14.60
O1 EDO H . 15.34 14.36 -15.65
C2 EDO H . 15.00 14.65 -13.26
O2 EDO H . 16.12 15.52 -13.46
C1 EDO I . 12.17 19.36 4.92
O1 EDO I . 12.04 18.21 4.07
C2 EDO I . 13.18 20.31 4.32
O2 EDO I . 14.31 19.58 3.84
#